data_6OI9
#
_entry.id   6OI9
#
_cell.length_a   84.352
_cell.length_b   106.782
_cell.length_c   122.345
_cell.angle_alpha   90.00
_cell.angle_beta   90.00
_cell.angle_gamma   90.00
#
_symmetry.space_group_name_H-M   'P 21 21 21'
#
loop_
_entity.id
_entity.type
_entity.pdbx_description
1 polymer 'Biotin carboxylase'
2 non-polymer 7-[(3S)-3-(aminomethyl)pyrrolidin-1-yl]-6-(2,6-dichlorophenyl)pyrido[2,3-d]pyrimidin-2-amine
3 non-polymer 1,2-ETHANEDIOL
4 water water
#
_entity_poly.entity_id   1
_entity_poly.type   'polypeptide(L)'
_entity_poly.pdbx_seq_one_letter_code
;MGSSHHHHHHSSGLVPRGSHMLDKIVIANRGEIALRILRACKELGIKTVAVHSSADRDLKHVLLADETVCIGPAPSVKSY
LNIPAIISAAEITGAVAIHPGYGFLSENANFAEQVERSGFIFIGPKAETIRLMGDKVSAIAAMKKAGVPCVPGSDGPLGD
DMDKNRAIAKRIGYPVIIKASGGGGGRGMRVVRGDAELAQSISMTRAEAKAAFSNDMVYMEKYLENPRHVEIQVLADGQG
NAIYLAERDCSMQRRHQKVVEEAPAPGITPELRRYIGERCAKACVDIGYRGAGTFEFLFENGEFYFIEMNTRIQVEHPVT
EMITGVDLIKEQLRIAAGQPLSIKQEEVHVRGHAVECRINAEDPNTFLPSPGKITRFHAPGGFGVRWESHIYAGYTVPPY
YDSMIGKLICYGENRDVAIARMKNALQELIIDGIKTNVDLQIRIMNDENFQHGGTNIHYLEKKLGLQEK
;
_entity_poly.pdbx_strand_id   A,B
#
# COMPACT_ATOMS: atom_id res chain seq x y z
N MET A 21 12.26 3.84 -41.29
CA MET A 21 12.31 3.45 -39.84
C MET A 21 12.51 4.67 -38.95
N LEU A 22 12.05 4.60 -37.70
CA LEU A 22 12.14 5.67 -36.68
C LEU A 22 13.62 5.97 -36.41
N ASP A 23 14.04 7.22 -36.52
CA ASP A 23 15.47 7.56 -36.40
C ASP A 23 15.90 7.31 -34.94
N LYS A 24 15.05 7.69 -33.99
CA LYS A 24 15.46 7.87 -32.57
C LYS A 24 14.22 7.85 -31.69
N ILE A 25 14.25 7.06 -30.61
CA ILE A 25 13.09 6.97 -29.69
C ILE A 25 13.57 7.18 -28.25
N VAL A 26 12.69 7.73 -27.43
CA VAL A 26 12.80 7.70 -25.97
C VAL A 26 12.18 6.41 -25.43
N ILE A 27 12.93 5.69 -24.59
CA ILE A 27 12.43 4.53 -23.82
C ILE A 27 11.92 5.07 -22.47
N ALA A 28 10.62 5.33 -22.36
CA ALA A 28 9.95 5.93 -21.18
C ALA A 28 9.61 4.83 -20.17
N ASN A 29 10.65 4.13 -19.72
CA ASN A 29 10.52 3.04 -18.75
C ASN A 29 11.90 2.72 -18.15
N ARG A 30 12.02 1.61 -17.41
CA ARG A 30 13.20 1.23 -16.63
C ARG A 30 13.31 -0.29 -16.57
N GLY A 31 14.32 -0.79 -15.86
CA GLY A 31 14.40 -2.21 -15.51
C GLY A 31 14.44 -3.10 -16.73
N GLU A 32 13.87 -4.28 -16.63
CA GLU A 32 14.04 -5.33 -17.66
C GLU A 32 13.39 -4.87 -18.97
N ILE A 33 12.22 -4.23 -18.94
CA ILE A 33 11.45 -3.88 -20.18
C ILE A 33 12.20 -2.78 -20.96
N ALA A 34 12.88 -1.88 -20.27
CA ALA A 34 13.70 -0.82 -20.93
C ALA A 34 14.85 -1.49 -21.72
N LEU A 35 15.48 -2.50 -21.15
CA LEU A 35 16.59 -3.26 -21.79
C LEU A 35 16.04 -4.03 -23.00
N ARG A 36 14.90 -4.68 -22.83
CA ARG A 36 14.18 -5.44 -23.91
C ARG A 36 13.95 -4.50 -25.10
N ILE A 37 13.45 -3.29 -24.84
CA ILE A 37 13.15 -2.29 -25.89
C ILE A 37 14.46 -1.82 -26.52
N LEU A 38 15.49 -1.53 -25.72
CA LEU A 38 16.81 -1.11 -26.25
C LEU A 38 17.31 -2.15 -27.24
N ARG A 39 17.24 -3.44 -26.93
CA ARG A 39 17.75 -4.48 -27.87
C ARG A 39 16.98 -4.41 -29.19
N ALA A 40 15.64 -4.31 -29.15
CA ALA A 40 14.78 -4.26 -30.35
C ALA A 40 15.21 -3.04 -31.20
N CYS A 41 15.44 -1.89 -30.57
CA CYS A 41 15.87 -0.63 -31.24
C CYS A 41 17.20 -0.87 -31.96
N LYS A 42 18.19 -1.41 -31.27
CA LYS A 42 19.53 -1.65 -31.85
C LYS A 42 19.43 -2.61 -33.03
N GLU A 43 18.58 -3.65 -32.96
CA GLU A 43 18.43 -4.60 -34.10
C GLU A 43 17.89 -3.86 -35.33
N LEU A 44 17.09 -2.81 -35.13
CA LEU A 44 16.41 -2.08 -36.23
C LEU A 44 17.21 -0.83 -36.62
N GLY A 45 18.36 -0.58 -35.97
CA GLY A 45 19.20 0.61 -36.22
C GLY A 45 18.54 1.89 -35.72
N ILE A 46 17.68 1.80 -34.71
CA ILE A 46 17.02 2.97 -34.08
C ILE A 46 17.92 3.50 -32.96
N LYS A 47 18.23 4.79 -32.96
CA LYS A 47 18.99 5.46 -31.87
C LYS A 47 18.13 5.47 -30.60
N THR A 48 18.75 5.26 -29.44
CA THR A 48 18.05 5.16 -28.15
C THR A 48 18.35 6.36 -27.25
N VAL A 49 17.31 6.86 -26.61
CA VAL A 49 17.38 7.87 -25.53
C VAL A 49 16.84 7.20 -24.27
N ALA A 50 17.71 6.98 -23.29
CA ALA A 50 17.34 6.41 -21.99
C ALA A 50 17.09 7.59 -21.04
N VAL A 51 15.81 7.84 -20.74
CA VAL A 51 15.39 8.76 -19.64
C VAL A 51 15.33 7.95 -18.34
N HIS A 52 15.89 8.49 -17.27
CA HIS A 52 16.06 7.76 -16.00
C HIS A 52 15.94 8.72 -14.82
N SER A 53 15.45 8.18 -13.71
CA SER A 53 15.54 8.77 -12.38
C SER A 53 17.01 8.79 -11.95
N SER A 54 17.32 9.66 -10.99
CA SER A 54 18.67 9.79 -10.41
C SER A 54 19.06 8.51 -9.67
N ALA A 55 18.11 7.66 -9.25
CA ALA A 55 18.41 6.35 -8.62
C ALA A 55 18.75 5.27 -9.66
N ASP A 56 18.56 5.54 -10.95
CA ASP A 56 18.63 4.51 -12.04
C ASP A 56 19.76 4.83 -13.03
N ARG A 57 20.72 5.67 -12.65
CA ARG A 57 21.90 6.05 -13.47
C ARG A 57 22.66 4.81 -13.95
N ASP A 58 22.73 3.76 -13.12
CA ASP A 58 23.54 2.52 -13.35
C ASP A 58 22.68 1.35 -13.85
N LEU A 59 21.45 1.58 -14.33
CA LEU A 59 20.68 0.55 -15.07
C LEU A 59 21.48 0.11 -16.29
N LYS A 60 21.52 -1.19 -16.55
CA LYS A 60 22.20 -1.79 -17.71
C LYS A 60 21.81 -1.04 -19.00
N HIS A 61 20.52 -0.82 -19.27
CA HIS A 61 20.08 -0.18 -20.53
C HIS A 61 20.55 1.27 -20.59
N VAL A 62 20.64 1.98 -19.46
CA VAL A 62 21.14 3.40 -19.47
C VAL A 62 22.61 3.39 -19.92
N LEU A 63 23.40 2.44 -19.41
CA LEU A 63 24.83 2.33 -19.73
C LEU A 63 25.00 1.87 -21.19
N LEU A 64 23.98 1.27 -21.84
CA LEU A 64 24.11 0.82 -23.25
C LEU A 64 23.49 1.82 -24.22
N ALA A 65 22.74 2.82 -23.76
CA ALA A 65 21.95 3.71 -24.64
C ALA A 65 22.86 4.69 -25.39
N ASP A 66 22.43 5.16 -26.56
CA ASP A 66 23.17 6.17 -27.37
C ASP A 66 23.21 7.51 -26.63
N GLU A 67 22.10 7.91 -26.01
CA GLU A 67 22.04 9.16 -25.20
C GLU A 67 21.27 8.88 -23.94
N THR A 68 21.52 9.67 -22.89
CA THR A 68 20.83 9.53 -21.58
C THR A 68 20.36 10.92 -21.15
N VAL A 69 19.22 10.99 -20.47
CA VAL A 69 18.73 12.23 -19.82
C VAL A 69 18.21 11.85 -18.45
N CYS A 70 18.74 12.48 -17.41
CA CYS A 70 18.22 12.33 -16.03
C CYS A 70 16.97 13.21 -15.94
N ILE A 71 15.78 12.62 -15.77
CA ILE A 71 14.51 13.37 -15.87
C ILE A 71 13.97 13.77 -14.50
N GLY A 72 14.65 13.39 -13.41
CA GLY A 72 14.18 13.76 -12.07
C GLY A 72 14.68 12.80 -11.00
N PRO A 73 14.27 13.04 -9.73
CA PRO A 73 14.71 12.24 -8.60
C PRO A 73 14.00 10.89 -8.56
N ALA A 74 14.29 10.08 -7.53
CA ALA A 74 13.94 8.64 -7.48
C ALA A 74 12.43 8.42 -7.62
N PRO A 75 11.57 9.13 -6.85
CA PRO A 75 10.15 8.80 -6.81
C PRO A 75 9.53 8.93 -8.20
N SER A 76 8.68 7.98 -8.56
CA SER A 76 8.11 7.85 -9.91
C SER A 76 7.34 9.11 -10.30
N VAL A 77 6.67 9.79 -9.36
CA VAL A 77 5.83 10.97 -9.70
C VAL A 77 6.72 12.03 -10.38
N LYS A 78 7.99 12.11 -10.00
CA LYS A 78 8.90 13.19 -10.48
C LYS A 78 9.84 12.63 -11.57
N SER A 79 9.74 11.36 -11.92
CA SER A 79 10.58 10.76 -12.99
C SER A 79 9.69 10.05 -14.03
N TYR A 80 9.38 8.76 -13.83
CA TYR A 80 8.75 7.89 -14.85
C TYR A 80 7.26 8.26 -15.07
N LEU A 81 6.63 9.04 -14.19
CA LEU A 81 5.24 9.53 -14.44
C LEU A 81 5.26 11.03 -14.78
N ASN A 82 6.45 11.62 -14.95
CA ASN A 82 6.61 13.09 -15.08
C ASN A 82 6.47 13.48 -16.57
N ILE A 83 5.25 13.78 -17.00
CA ILE A 83 4.91 13.92 -18.44
C ILE A 83 5.75 15.05 -19.05
N PRO A 84 5.79 16.27 -18.46
CA PRO A 84 6.61 17.35 -19.00
C PRO A 84 8.08 16.98 -19.20
N ALA A 85 8.68 16.28 -18.24
CA ALA A 85 10.12 15.95 -18.26
C ALA A 85 10.36 14.93 -19.40
N ILE A 86 9.47 13.98 -19.61
CA ILE A 86 9.68 12.92 -20.66
C ILE A 86 9.56 13.56 -22.05
N ILE A 87 8.54 14.40 -22.26
CA ILE A 87 8.35 15.12 -23.55
C ILE A 87 9.52 16.07 -23.79
N SER A 88 9.93 16.80 -22.76
CA SER A 88 11.12 17.70 -22.85
CA SER A 88 11.11 17.71 -22.86
C SER A 88 12.35 16.90 -23.27
N ALA A 89 12.56 15.69 -22.77
CA ALA A 89 13.73 14.86 -23.14
C ALA A 89 13.64 14.43 -24.61
N ALA A 90 12.45 14.11 -25.09
CA ALA A 90 12.22 13.80 -26.53
C ALA A 90 12.52 15.03 -27.40
N GLU A 91 12.15 16.25 -26.94
CA GLU A 91 12.38 17.53 -27.68
CA GLU A 91 12.38 17.53 -27.68
C GLU A 91 13.90 17.80 -27.76
N ILE A 92 14.60 17.77 -26.63
CA ILE A 92 16.02 18.21 -26.55
C ILE A 92 16.92 17.22 -27.27
N THR A 93 16.57 15.94 -27.39
CA THR A 93 17.42 14.92 -28.08
C THR A 93 17.07 14.85 -29.57
N GLY A 94 15.95 15.43 -30.01
CA GLY A 94 15.43 15.26 -31.37
C GLY A 94 14.87 13.87 -31.63
N ALA A 95 14.35 13.21 -30.59
CA ALA A 95 13.68 11.90 -30.75
C ALA A 95 12.38 12.12 -31.52
N VAL A 96 11.86 11.07 -32.17
CA VAL A 96 10.62 11.15 -32.99
C VAL A 96 9.47 10.37 -32.35
N ALA A 97 9.75 9.53 -31.36
CA ALA A 97 8.76 8.57 -30.81
C ALA A 97 9.13 8.24 -29.36
N ILE A 98 8.12 7.84 -28.61
CA ILE A 98 8.24 7.43 -27.20
C ILE A 98 7.59 6.05 -27.05
N HIS A 99 8.35 5.07 -26.56
CA HIS A 99 7.87 3.73 -26.17
C HIS A 99 7.66 3.72 -24.65
N PRO A 100 6.40 3.55 -24.17
CA PRO A 100 6.10 3.64 -22.74
C PRO A 100 6.25 2.31 -21.99
N GLY A 101 6.57 1.22 -22.69
CA GLY A 101 6.71 -0.09 -22.06
C GLY A 101 5.39 -0.56 -21.46
N TYR A 102 5.43 -1.14 -20.25
CA TYR A 102 4.25 -1.53 -19.44
C TYR A 102 4.31 -0.74 -18.13
N GLY A 103 3.17 -0.66 -17.44
CA GLY A 103 3.01 0.16 -16.22
C GLY A 103 3.23 1.63 -16.54
N PHE A 104 3.59 2.42 -15.54
CA PHE A 104 3.84 3.89 -15.63
C PHE A 104 2.76 4.53 -16.51
N LEU A 105 3.09 5.09 -17.67
CA LEU A 105 2.14 5.91 -18.47
C LEU A 105 1.60 5.12 -19.67
N SER A 106 1.82 3.80 -19.75
CA SER A 106 1.53 3.00 -20.97
C SER A 106 0.02 2.98 -21.30
N GLU A 107 -0.86 3.07 -20.28
CA GLU A 107 -2.34 3.06 -20.43
C GLU A 107 -2.92 4.44 -20.09
N ASN A 108 -2.08 5.48 -20.13
CA ASN A 108 -2.50 6.86 -19.76
C ASN A 108 -2.86 7.58 -21.06
N ALA A 109 -4.16 7.72 -21.33
CA ALA A 109 -4.68 8.28 -22.59
C ALA A 109 -4.28 9.76 -22.71
N ASN A 110 -4.34 10.51 -21.62
CA ASN A 110 -3.93 11.94 -21.60
CA ASN A 110 -3.92 11.94 -21.57
C ASN A 110 -2.45 12.04 -22.00
N PHE A 111 -1.60 11.15 -21.50
CA PHE A 111 -0.17 11.14 -21.90
C PHE A 111 -0.06 10.89 -23.41
N ALA A 112 -0.70 9.85 -23.93
CA ALA A 112 -0.64 9.50 -25.37
C ALA A 112 -1.07 10.72 -26.20
N GLU A 113 -2.14 11.39 -25.78
CA GLU A 113 -2.69 12.60 -26.46
C GLU A 113 -1.65 13.72 -26.47
N GLN A 114 -1.06 14.02 -25.31
CA GLN A 114 -0.02 15.07 -25.17
C GLN A 114 1.18 14.75 -26.06
N VAL A 115 1.61 13.49 -26.09
CA VAL A 115 2.77 13.04 -26.93
C VAL A 115 2.45 13.38 -28.39
N GLU A 116 1.28 12.98 -28.88
CA GLU A 116 0.82 13.21 -30.28
C GLU A 116 0.67 14.73 -30.51
N ARG A 117 0.13 15.49 -29.55
CA ARG A 117 -0.09 16.95 -29.73
C ARG A 117 1.26 17.64 -29.83
N SER A 118 2.26 17.18 -29.09
CA SER A 118 3.64 17.72 -29.13
C SER A 118 4.37 17.29 -30.40
N GLY A 119 3.76 16.43 -31.23
CA GLY A 119 4.25 16.02 -32.56
C GLY A 119 5.15 14.80 -32.53
N PHE A 120 5.17 14.05 -31.44
CA PHE A 120 5.95 12.79 -31.31
C PHE A 120 5.00 11.61 -31.56
N ILE A 121 5.54 10.49 -32.02
CA ILE A 121 4.76 9.24 -32.18
C ILE A 121 4.73 8.55 -30.83
N PHE A 122 3.54 8.17 -30.37
CA PHE A 122 3.30 7.28 -29.22
C PHE A 122 3.23 5.84 -29.72
N ILE A 123 4.14 4.99 -29.22
CA ILE A 123 4.21 3.58 -29.66
C ILE A 123 3.13 2.83 -28.88
N GLY A 124 1.96 2.76 -29.50
CA GLY A 124 0.70 2.29 -28.89
C GLY A 124 -0.45 2.58 -29.84
N PRO A 125 -1.70 2.29 -29.42
CA PRO A 125 -2.86 2.63 -30.22
C PRO A 125 -3.13 4.15 -30.20
N LYS A 126 -4.15 4.62 -30.92
CA LYS A 126 -4.68 6.00 -30.77
C LYS A 126 -5.09 6.24 -29.32
N ALA A 127 -4.91 7.46 -28.81
CA ALA A 127 -5.34 7.90 -27.47
C ALA A 127 -6.81 7.48 -27.22
N GLU A 128 -7.68 7.72 -28.19
CA GLU A 128 -9.13 7.42 -28.15
C GLU A 128 -9.34 5.91 -27.89
N THR A 129 -8.48 5.05 -28.43
CA THR A 129 -8.59 3.59 -28.27
C THR A 129 -8.16 3.21 -26.85
N ILE A 130 -7.11 3.87 -26.33
CA ILE A 130 -6.63 3.64 -24.93
C ILE A 130 -7.78 4.03 -23.99
N ARG A 131 -8.50 5.12 -24.26
CA ARG A 131 -9.59 5.62 -23.39
CA ARG A 131 -9.59 5.62 -23.39
C ARG A 131 -10.76 4.62 -23.44
N LEU A 132 -11.13 4.18 -24.65
CA LEU A 132 -12.21 3.18 -24.87
C LEU A 132 -11.94 1.92 -24.03
N MET A 133 -10.73 1.38 -24.05
CA MET A 133 -10.42 0.08 -23.39
C MET A 133 -10.10 0.26 -21.90
N GLY A 134 -9.72 1.46 -21.46
CA GLY A 134 -9.57 1.79 -20.03
C GLY A 134 -10.91 2.04 -19.33
N ASP A 135 -11.99 2.22 -20.06
CA ASP A 135 -13.36 2.28 -19.50
C ASP A 135 -13.90 0.86 -19.69
N LYS A 136 -13.94 0.06 -18.62
CA LYS A 136 -14.28 -1.38 -18.71
CA LYS A 136 -14.28 -1.38 -18.71
C LYS A 136 -15.71 -1.53 -19.24
N VAL A 137 -16.62 -0.63 -18.85
CA VAL A 137 -18.03 -0.68 -19.36
C VAL A 137 -18.07 -0.46 -20.88
N SER A 138 -17.44 0.60 -21.37
CA SER A 138 -17.42 0.99 -22.81
C SER A 138 -16.67 -0.11 -23.60
N ALA A 139 -15.59 -0.65 -23.05
CA ALA A 139 -14.81 -1.72 -23.72
C ALA A 139 -15.67 -2.97 -23.90
N ILE A 140 -16.40 -3.40 -22.86
CA ILE A 140 -17.28 -4.61 -22.92
C ILE A 140 -18.36 -4.37 -23.98
N ALA A 141 -18.99 -3.18 -24.01
CA ALA A 141 -20.05 -2.89 -25.00
C ALA A 141 -19.49 -3.02 -26.42
N ALA A 142 -18.27 -2.51 -26.66
CA ALA A 142 -17.62 -2.55 -27.99
C ALA A 142 -17.33 -4.02 -28.38
N MET A 143 -16.78 -4.79 -27.45
CA MET A 143 -16.39 -6.21 -27.69
C MET A 143 -17.66 -7.05 -27.95
N LYS A 144 -18.70 -6.85 -27.17
CA LYS A 144 -19.98 -7.59 -27.32
C LYS A 144 -20.57 -7.29 -28.69
N LYS A 145 -20.59 -6.02 -29.07
CA LYS A 145 -21.07 -5.57 -30.41
C LYS A 145 -20.23 -6.21 -31.53
N ALA A 146 -18.94 -6.42 -31.33
CA ALA A 146 -18.03 -6.96 -32.37
C ALA A 146 -18.17 -8.49 -32.50
N GLY A 147 -18.84 -9.16 -31.55
CA GLY A 147 -19.05 -10.63 -31.56
C GLY A 147 -18.13 -11.39 -30.61
N VAL A 148 -17.41 -10.69 -29.73
CA VAL A 148 -16.53 -11.33 -28.71
C VAL A 148 -17.43 -11.74 -27.55
N PRO A 149 -17.36 -13.01 -27.06
CA PRO A 149 -18.20 -13.44 -25.95
C PRO A 149 -17.73 -12.75 -24.68
N CYS A 150 -18.66 -12.22 -23.90
CA CYS A 150 -18.43 -11.51 -22.60
C CYS A 150 -19.10 -12.26 -21.43
N VAL A 151 -18.78 -11.87 -20.21
CA VAL A 151 -19.44 -12.46 -18.99
C VAL A 151 -20.88 -11.94 -18.96
N PRO A 152 -21.91 -12.75 -18.66
CA PRO A 152 -23.23 -12.21 -18.38
C PRO A 152 -23.11 -11.12 -17.30
N GLY A 153 -23.69 -9.95 -17.54
CA GLY A 153 -23.49 -8.75 -16.68
C GLY A 153 -24.56 -7.69 -16.87
N SER A 154 -24.39 -6.54 -16.20
CA SER A 154 -25.33 -5.39 -16.23
C SER A 154 -25.42 -4.81 -17.65
N ASP A 155 -24.38 -4.96 -18.48
CA ASP A 155 -24.32 -4.31 -19.82
C ASP A 155 -24.64 -2.82 -19.65
N GLY A 156 -23.94 -2.14 -18.74
CA GLY A 156 -24.14 -0.73 -18.40
C GLY A 156 -23.78 -0.49 -16.95
N PRO A 157 -23.63 0.79 -16.54
CA PRO A 157 -23.28 1.13 -15.17
C PRO A 157 -24.49 0.90 -14.24
N LEU A 158 -24.27 0.59 -12.97
CA LEU A 158 -25.36 0.46 -11.97
C LEU A 158 -25.70 1.86 -11.45
N GLY A 159 -26.99 2.18 -11.32
CA GLY A 159 -27.45 3.42 -10.67
C GLY A 159 -27.62 3.21 -9.18
N ASP A 160 -28.38 4.08 -8.51
CA ASP A 160 -28.57 4.07 -7.03
C ASP A 160 -29.93 3.47 -6.67
N ASP A 161 -30.70 3.01 -7.65
CA ASP A 161 -31.99 2.32 -7.46
C ASP A 161 -31.69 0.85 -7.14
N MET A 162 -31.78 0.48 -5.86
CA MET A 162 -31.44 -0.86 -5.33
C MET A 162 -32.51 -1.90 -5.72
N ASP A 163 -33.73 -1.46 -6.05
CA ASP A 163 -34.77 -2.34 -6.64
C ASP A 163 -34.27 -2.82 -8.02
N LYS A 164 -33.77 -1.91 -8.84
CA LYS A 164 -33.19 -2.27 -10.17
C LYS A 164 -31.91 -3.10 -9.99
N ASN A 165 -31.05 -2.75 -9.03
CA ASN A 165 -29.80 -3.49 -8.79
C ASN A 165 -30.13 -4.93 -8.35
N ARG A 166 -31.11 -5.13 -7.46
CA ARG A 166 -31.54 -6.50 -7.05
C ARG A 166 -32.06 -7.28 -8.27
N ALA A 167 -32.87 -6.65 -9.13
CA ALA A 167 -33.44 -7.24 -10.36
C ALA A 167 -32.32 -7.66 -11.33
N ILE A 168 -31.24 -6.87 -11.45
CA ILE A 168 -30.09 -7.23 -12.31
C ILE A 168 -29.38 -8.45 -11.72
N ALA A 169 -29.12 -8.48 -10.40
CA ALA A 169 -28.49 -9.63 -9.71
C ALA A 169 -29.33 -10.91 -9.90
N LYS A 170 -30.66 -10.80 -9.78
CA LYS A 170 -31.61 -11.94 -9.95
C LYS A 170 -31.50 -12.49 -11.39
N ARG A 171 -31.57 -11.61 -12.40
CA ARG A 171 -31.50 -11.95 -13.84
C ARG A 171 -30.17 -12.64 -14.15
N ILE A 172 -29.04 -12.11 -13.65
CA ILE A 172 -27.70 -12.72 -13.81
C ILE A 172 -27.64 -14.05 -13.05
N GLY A 173 -28.09 -14.02 -11.78
CA GLY A 173 -28.05 -15.15 -10.83
C GLY A 173 -26.82 -15.08 -9.95
N TYR A 174 -27.02 -15.02 -8.63
CA TYR A 174 -25.93 -15.06 -7.61
C TYR A 174 -25.09 -16.32 -7.82
N PRO A 175 -23.77 -16.35 -7.54
CA PRO A 175 -23.03 -15.16 -7.12
C PRO A 175 -22.71 -14.17 -8.27
N VAL A 176 -22.61 -12.90 -7.91
CA VAL A 176 -22.24 -11.79 -8.82
C VAL A 176 -20.99 -11.08 -8.26
N ILE A 177 -20.39 -10.24 -9.08
CA ILE A 177 -19.20 -9.42 -8.69
C ILE A 177 -19.45 -7.98 -9.18
N ILE A 178 -19.19 -7.02 -8.29
CA ILE A 178 -19.21 -5.56 -8.55
C ILE A 178 -17.78 -5.12 -8.87
N LYS A 179 -17.60 -4.37 -9.96
CA LYS A 179 -16.28 -3.91 -10.47
C LYS A 179 -16.35 -2.43 -10.82
N ALA A 180 -15.27 -1.69 -10.56
CA ALA A 180 -15.04 -0.30 -11.00
C ALA A 180 -14.78 -0.28 -12.52
N SER A 181 -15.48 0.60 -13.23
CA SER A 181 -15.28 0.83 -14.69
C SER A 181 -13.88 1.39 -14.94
N GLY A 182 -13.37 2.24 -14.03
CA GLY A 182 -12.03 2.83 -14.11
C GLY A 182 -10.96 1.94 -13.48
N GLY A 183 -11.35 0.72 -13.08
CA GLY A 183 -10.60 -0.20 -12.20
C GLY A 183 -9.40 -0.84 -12.87
N GLY A 184 -8.68 -1.71 -12.14
CA GLY A 184 -7.28 -2.13 -12.53
C GLY A 184 -6.76 -3.08 -11.41
N GLY A 185 -6.00 -4.12 -11.78
CA GLY A 185 -5.12 -4.89 -10.88
C GLY A 185 -5.89 -5.58 -9.77
N GLY A 186 -7.23 -5.75 -9.94
CA GLY A 186 -8.11 -6.47 -9.02
C GLY A 186 -8.57 -5.63 -7.84
N ARG A 187 -8.28 -4.33 -7.83
CA ARG A 187 -8.58 -3.41 -6.69
C ARG A 187 -10.05 -3.00 -6.75
N GLY A 188 -10.73 -2.98 -5.59
CA GLY A 188 -12.12 -2.50 -5.45
C GLY A 188 -13.15 -3.62 -5.57
N MET A 189 -12.91 -4.63 -6.39
CA MET A 189 -13.89 -5.68 -6.76
C MET A 189 -14.54 -6.28 -5.51
N ARG A 190 -15.84 -6.58 -5.55
CA ARG A 190 -16.54 -7.25 -4.41
C ARG A 190 -17.48 -8.35 -4.92
N VAL A 191 -17.27 -9.57 -4.43
CA VAL A 191 -18.18 -10.72 -4.67
C VAL A 191 -19.41 -10.57 -3.75
N VAL A 192 -20.60 -10.76 -4.32
CA VAL A 192 -21.91 -10.73 -3.61
C VAL A 192 -22.63 -12.07 -3.84
N ARG A 193 -23.06 -12.69 -2.76
CA ARG A 193 -23.61 -14.07 -2.75
C ARG A 193 -25.10 -14.07 -2.42
N GLY A 194 -25.67 -12.92 -2.05
CA GLY A 194 -27.12 -12.74 -1.79
C GLY A 194 -27.50 -11.28 -1.65
N ASP A 195 -28.80 -10.97 -1.62
CA ASP A 195 -29.35 -9.58 -1.60
C ASP A 195 -28.87 -8.83 -0.36
N ALA A 196 -28.71 -9.52 0.77
CA ALA A 196 -28.40 -8.91 2.08
C ALA A 196 -27.08 -8.10 1.98
N GLU A 197 -26.15 -8.50 1.12
CA GLU A 197 -24.80 -7.87 1.00
C GLU A 197 -24.75 -6.89 -0.18
N LEU A 198 -25.77 -6.85 -1.05
CA LEU A 198 -25.69 -6.17 -2.38
C LEU A 198 -25.50 -4.65 -2.20
N ALA A 199 -26.35 -3.99 -1.41
CA ALA A 199 -26.35 -2.51 -1.20
C ALA A 199 -24.97 -2.08 -0.67
N GLN A 200 -24.48 -2.69 0.42
CA GLN A 200 -23.18 -2.32 1.04
C GLN A 200 -22.03 -2.59 0.07
N SER A 201 -22.07 -3.72 -0.66
CA SER A 201 -21.02 -4.10 -1.64
C SER A 201 -20.92 -3.06 -2.77
N ILE A 202 -22.07 -2.58 -3.27
CA ILE A 202 -22.12 -1.60 -4.38
C ILE A 202 -21.55 -0.27 -3.85
N SER A 203 -22.05 0.17 -2.69
CA SER A 203 -21.66 1.43 -2.02
C SER A 203 -20.14 1.45 -1.77
N MET A 204 -19.57 0.36 -1.24
CA MET A 204 -18.13 0.31 -0.89
C MET A 204 -17.28 0.28 -2.16
N THR A 205 -17.68 -0.47 -3.19
CA THR A 205 -16.95 -0.51 -4.48
C THR A 205 -16.97 0.90 -5.10
N ARG A 206 -18.10 1.59 -5.08
CA ARG A 206 -18.19 3.01 -5.54
C ARG A 206 -17.21 3.92 -4.80
N ALA A 207 -17.24 3.92 -3.47
CA ALA A 207 -16.43 4.83 -2.64
C ALA A 207 -14.94 4.58 -2.95
N GLU A 208 -14.52 3.32 -3.08
CA GLU A 208 -13.13 2.91 -3.40
C GLU A 208 -12.74 3.41 -4.80
N ALA A 209 -13.63 3.29 -5.78
CA ALA A 209 -13.41 3.77 -7.18
C ALA A 209 -13.30 5.31 -7.19
N LYS A 210 -14.15 6.00 -6.45
CA LYS A 210 -14.12 7.49 -6.39
C LYS A 210 -12.77 7.94 -5.79
N ALA A 211 -12.32 7.32 -4.70
CA ALA A 211 -11.10 7.71 -3.95
C ALA A 211 -9.83 7.43 -4.78
N ALA A 212 -9.85 6.40 -5.64
CA ALA A 212 -8.68 5.91 -6.39
C ALA A 212 -8.64 6.50 -7.81
N PHE A 213 -9.77 6.56 -8.52
CA PHE A 213 -9.85 6.90 -9.97
C PHE A 213 -10.61 8.21 -10.20
N SER A 214 -11.11 8.85 -9.14
CA SER A 214 -12.09 9.98 -9.23
C SER A 214 -13.19 9.63 -10.25
N ASN A 215 -13.66 8.39 -10.20
CA ASN A 215 -14.66 7.85 -11.15
C ASN A 215 -15.42 6.75 -10.40
N ASP A 216 -16.65 7.05 -9.97
CA ASP A 216 -17.43 6.17 -9.07
C ASP A 216 -18.27 5.17 -9.88
N MET A 217 -18.09 5.09 -11.21
CA MET A 217 -18.89 4.20 -12.08
C MET A 217 -18.53 2.72 -11.78
N VAL A 218 -19.56 1.89 -11.60
CA VAL A 218 -19.42 0.43 -11.31
C VAL A 218 -20.40 -0.34 -12.19
N TYR A 219 -20.09 -1.61 -12.41
CA TYR A 219 -20.92 -2.57 -13.18
C TYR A 219 -20.99 -3.91 -12.44
N MET A 220 -21.80 -4.85 -12.96
CA MET A 220 -22.03 -6.16 -12.32
C MET A 220 -21.77 -7.25 -13.37
N GLU A 221 -21.12 -8.35 -12.96
CA GLU A 221 -20.90 -9.56 -13.79
C GLU A 221 -21.33 -10.76 -12.96
N LYS A 222 -21.71 -11.86 -13.63
CA LYS A 222 -21.74 -13.22 -13.02
C LYS A 222 -20.34 -13.49 -12.48
N TYR A 223 -20.22 -13.92 -11.22
CA TYR A 223 -18.93 -14.33 -10.63
C TYR A 223 -18.65 -15.78 -11.01
N LEU A 224 -17.56 -16.02 -11.73
CA LEU A 224 -17.10 -17.40 -12.04
C LEU A 224 -16.14 -17.85 -10.94
N GLU A 225 -16.45 -19.00 -10.34
CA GLU A 225 -15.84 -19.48 -9.07
C GLU A 225 -14.41 -19.96 -9.32
N ASN A 226 -14.17 -20.74 -10.38
CA ASN A 226 -12.84 -21.39 -10.59
C ASN A 226 -12.41 -21.29 -12.05
N PRO A 227 -12.26 -20.06 -12.61
CA PRO A 227 -11.80 -19.91 -13.98
C PRO A 227 -10.27 -20.06 -14.06
N ARG A 228 -9.78 -20.27 -15.28
CA ARG A 228 -8.38 -20.00 -15.67
C ARG A 228 -8.33 -18.59 -16.30
N HIS A 229 -7.20 -17.91 -16.17
CA HIS A 229 -6.95 -16.57 -16.75
C HIS A 229 -6.17 -16.78 -18.05
N VAL A 230 -6.86 -16.66 -19.19
CA VAL A 230 -6.31 -16.96 -20.54
C VAL A 230 -6.41 -15.68 -21.38
N GLU A 231 -5.31 -15.26 -21.99
CA GLU A 231 -5.29 -13.99 -22.75
C GLU A 231 -4.77 -14.23 -24.17
N ILE A 232 -5.34 -13.46 -25.12
CA ILE A 232 -5.00 -13.53 -26.56
C ILE A 232 -4.14 -12.32 -26.91
N GLN A 233 -2.96 -12.58 -27.47
CA GLN A 233 -2.07 -11.54 -28.05
C GLN A 233 -2.59 -11.20 -29.45
N VAL A 234 -2.71 -9.91 -29.75
CA VAL A 234 -3.00 -9.41 -31.13
C VAL A 234 -1.90 -8.42 -31.54
N LEU A 235 -1.74 -8.28 -32.85
CA LEU A 235 -1.02 -7.17 -33.54
C LEU A 235 -1.94 -6.65 -34.64
N ALA A 236 -2.02 -5.32 -34.78
CA ALA A 236 -2.66 -4.64 -35.92
C ALA A 236 -1.76 -3.50 -36.42
N ASP A 237 -1.72 -3.27 -37.72
CA ASP A 237 -0.88 -2.21 -38.36
C ASP A 237 -1.82 -1.11 -38.85
N GLY A 238 -1.28 -0.06 -39.46
CA GLY A 238 -2.11 1.02 -40.00
C GLY A 238 -2.54 0.76 -41.43
N GLN A 239 -2.31 -0.47 -41.93
CA GLN A 239 -2.64 -0.87 -43.33
C GLN A 239 -3.87 -1.80 -43.37
N GLY A 240 -4.54 -2.07 -42.23
CA GLY A 240 -5.79 -2.84 -42.16
C GLY A 240 -5.58 -4.30 -41.75
N ASN A 241 -4.34 -4.72 -41.50
CA ASN A 241 -4.04 -6.12 -41.10
C ASN A 241 -4.19 -6.28 -39.58
N ALA A 242 -4.85 -7.35 -39.14
CA ALA A 242 -4.93 -7.71 -37.71
C ALA A 242 -4.81 -9.23 -37.53
N ILE A 243 -3.90 -9.65 -36.66
CA ILE A 243 -3.62 -11.10 -36.44
C ILE A 243 -3.64 -11.40 -34.94
N TYR A 244 -3.89 -12.67 -34.62
CA TYR A 244 -3.79 -13.24 -33.27
C TYR A 244 -2.56 -14.15 -33.23
N LEU A 245 -1.86 -14.16 -32.10
CA LEU A 245 -0.62 -14.94 -31.86
C LEU A 245 -0.87 -15.83 -30.63
N ALA A 246 -1.91 -16.66 -30.76
CA ALA A 246 -2.31 -17.68 -29.79
C ALA A 246 -2.59 -17.04 -28.44
N GLU A 247 -2.48 -17.83 -27.37
CA GLU A 247 -2.94 -17.45 -26.02
C GLU A 247 -1.83 -17.71 -25.02
N ARG A 248 -1.99 -17.11 -23.85
CA ARG A 248 -1.17 -17.36 -22.65
C ARG A 248 -2.11 -17.74 -21.51
N ASP A 249 -1.67 -18.67 -20.68
CA ASP A 249 -2.31 -19.00 -19.39
C ASP A 249 -1.52 -18.30 -18.29
N CYS A 250 -2.18 -17.39 -17.56
CA CYS A 250 -1.63 -16.51 -16.51
C CYS A 250 -2.29 -16.85 -15.16
N SER A 251 -2.80 -18.06 -15.02
CA SER A 251 -3.60 -18.52 -13.84
C SER A 251 -2.72 -18.66 -12.61
N MET A 252 -1.44 -19.01 -12.74
CA MET A 252 -0.56 -19.26 -11.56
C MET A 252 -0.16 -17.89 -10.97
N GLN A 253 -0.88 -17.44 -9.95
CA GLN A 253 -0.85 -16.05 -9.45
C GLN A 253 -1.21 -16.03 -7.95
N ARG A 254 -0.86 -14.93 -7.30
CA ARG A 254 -1.05 -14.70 -5.86
C ARG A 254 -1.45 -13.23 -5.70
N ARG A 255 -2.61 -12.98 -5.08
CA ARG A 255 -3.16 -11.64 -4.75
C ARG A 255 -3.04 -10.71 -5.95
N HIS A 256 -3.45 -11.16 -7.14
CA HIS A 256 -3.45 -10.37 -8.39
C HIS A 256 -2.02 -10.07 -8.87
N GLN A 257 -0.99 -10.79 -8.41
CA GLN A 257 0.36 -10.75 -9.05
C GLN A 257 0.59 -12.09 -9.76
N LYS A 258 0.68 -12.07 -11.09
CA LYS A 258 1.13 -13.23 -11.91
C LYS A 258 2.51 -13.70 -11.42
N VAL A 259 2.72 -15.02 -11.36
CA VAL A 259 3.98 -15.64 -10.87
C VAL A 259 4.59 -16.49 -12.00
N VAL A 260 3.78 -17.29 -12.68
CA VAL A 260 4.18 -18.11 -13.86
C VAL A 260 3.17 -17.83 -14.96
N GLU A 261 3.66 -17.69 -16.20
CA GLU A 261 2.81 -17.60 -17.41
C GLU A 261 3.31 -18.64 -18.40
N GLU A 262 2.41 -19.18 -19.23
CA GLU A 262 2.83 -20.17 -20.27
C GLU A 262 2.02 -19.99 -21.54
N ALA A 263 2.61 -20.45 -22.65
CA ALA A 263 1.99 -20.41 -23.99
C ALA A 263 2.41 -21.67 -24.74
N PRO A 264 1.48 -22.36 -25.44
CA PRO A 264 0.05 -22.08 -25.38
C PRO A 264 -0.56 -22.49 -24.03
N ALA A 265 -1.86 -22.26 -23.85
CA ALA A 265 -2.61 -22.70 -22.66
C ALA A 265 -2.90 -24.20 -22.79
N PRO A 266 -2.52 -25.01 -21.78
CA PRO A 266 -2.83 -26.44 -21.80
C PRO A 266 -4.33 -26.75 -21.97
N GLY A 267 -4.65 -27.72 -22.84
CA GLY A 267 -6.02 -28.21 -23.08
C GLY A 267 -6.78 -27.37 -24.08
N ILE A 268 -6.24 -26.26 -24.56
CA ILE A 268 -6.86 -25.46 -25.65
C ILE A 268 -6.52 -26.14 -26.98
N THR A 269 -7.53 -26.63 -27.70
CA THR A 269 -7.41 -27.27 -29.03
C THR A 269 -7.13 -26.21 -30.09
N PRO A 270 -6.63 -26.60 -31.29
CA PRO A 270 -6.51 -25.66 -32.41
C PRO A 270 -7.86 -25.03 -32.83
N GLU A 271 -8.97 -25.77 -32.67
CA GLU A 271 -10.32 -25.31 -33.10
C GLU A 271 -10.80 -24.19 -32.16
N LEU A 272 -10.57 -24.32 -30.86
CA LEU A 272 -10.89 -23.28 -29.85
C LEU A 272 -10.00 -22.06 -30.06
N ARG A 273 -8.68 -22.26 -30.22
CA ARG A 273 -7.69 -21.17 -30.44
C ARG A 273 -8.17 -20.31 -31.61
N ARG A 274 -8.45 -20.98 -32.74
CA ARG A 274 -8.92 -20.34 -33.99
C ARG A 274 -10.24 -19.59 -33.74
N TYR A 275 -11.19 -20.22 -33.05
CA TYR A 275 -12.51 -19.61 -32.74
C TYR A 275 -12.33 -18.25 -32.05
N ILE A 276 -11.57 -18.21 -30.95
CA ILE A 276 -11.48 -17.01 -30.08
C ILE A 276 -10.51 -16.01 -30.72
N GLY A 277 -9.45 -16.50 -31.37
CA GLY A 277 -8.46 -15.67 -32.07
C GLY A 277 -9.10 -14.83 -33.17
N GLU A 278 -9.93 -15.47 -34.00
CA GLU A 278 -10.63 -14.81 -35.12
C GLU A 278 -11.56 -13.71 -34.59
N ARG A 279 -12.24 -13.96 -33.46
CA ARG A 279 -13.18 -12.95 -32.89
C ARG A 279 -12.38 -11.77 -32.34
N CYS A 280 -11.20 -11.99 -31.76
CA CYS A 280 -10.29 -10.92 -31.27
C CYS A 280 -9.76 -10.09 -32.45
N ALA A 281 -9.28 -10.73 -33.52
CA ALA A 281 -8.75 -10.04 -34.73
C ALA A 281 -9.86 -9.18 -35.37
N LYS A 282 -11.06 -9.73 -35.50
CA LYS A 282 -12.23 -9.04 -36.08
C LYS A 282 -12.58 -7.82 -35.21
N ALA A 283 -12.52 -7.95 -33.88
CA ALA A 283 -12.81 -6.82 -32.97
C ALA A 283 -11.80 -5.70 -33.22
N CYS A 284 -10.52 -6.03 -33.39
CA CYS A 284 -9.42 -5.07 -33.74
C CYS A 284 -9.78 -4.28 -35.00
N VAL A 285 -10.24 -4.95 -36.04
CA VAL A 285 -10.64 -4.26 -37.31
C VAL A 285 -11.80 -3.30 -36.99
N ASP A 286 -12.83 -3.77 -36.27
CA ASP A 286 -14.07 -2.99 -35.98
C ASP A 286 -13.71 -1.70 -35.26
N ILE A 287 -12.78 -1.72 -34.31
CA ILE A 287 -12.50 -0.54 -33.43
C ILE A 287 -11.30 0.26 -33.96
N GLY A 288 -10.67 -0.16 -35.06
CA GLY A 288 -9.48 0.52 -35.61
C GLY A 288 -8.30 0.45 -34.65
N TYR A 289 -8.08 -0.73 -34.07
CA TYR A 289 -6.95 -0.97 -33.15
C TYR A 289 -5.65 -0.84 -33.94
N ARG A 290 -4.59 -0.37 -33.30
CA ARG A 290 -3.23 -0.27 -33.90
C ARG A 290 -2.21 -0.65 -32.83
N GLY A 291 -1.27 -1.53 -33.17
CA GLY A 291 -0.15 -1.92 -32.30
C GLY A 291 -0.39 -3.27 -31.65
N ALA A 292 0.39 -3.57 -30.60
CA ALA A 292 0.23 -4.77 -29.75
C ALA A 292 -0.97 -4.55 -28.84
N GLY A 293 -1.72 -5.63 -28.58
CA GLY A 293 -2.76 -5.61 -27.55
C GLY A 293 -3.02 -6.99 -27.03
N THR A 294 -3.66 -7.07 -25.85
CA THR A 294 -4.02 -8.35 -25.18
C THR A 294 -5.49 -8.30 -24.81
N PHE A 295 -6.25 -9.30 -25.23
CA PHE A 295 -7.64 -9.56 -24.77
C PHE A 295 -7.56 -10.55 -23.61
N GLU A 296 -7.97 -10.11 -22.43
CA GLU A 296 -8.08 -10.97 -21.22
C GLU A 296 -9.45 -11.66 -21.21
N PHE A 297 -9.42 -12.97 -20.97
CA PHE A 297 -10.59 -13.85 -20.83
C PHE A 297 -10.52 -14.61 -19.50
N LEU A 298 -11.69 -14.87 -18.94
CA LEU A 298 -11.93 -16.03 -18.06
C LEU A 298 -12.25 -17.22 -18.97
N PHE A 299 -11.62 -18.35 -18.69
CA PHE A 299 -11.87 -19.65 -19.37
C PHE A 299 -12.34 -20.66 -18.32
N GLU A 300 -13.56 -21.19 -18.48
CA GLU A 300 -14.22 -22.10 -17.50
C GLU A 300 -15.17 -23.02 -18.26
N ASN A 301 -15.13 -24.33 -17.95
CA ASN A 301 -15.98 -25.35 -18.62
C ASN A 301 -15.93 -25.14 -20.14
N GLY A 302 -14.74 -25.03 -20.71
CA GLY A 302 -14.54 -24.97 -22.17
C GLY A 302 -15.02 -23.69 -22.83
N GLU A 303 -15.46 -22.67 -22.10
CA GLU A 303 -16.01 -21.41 -22.69
C GLU A 303 -15.11 -20.22 -22.33
N PHE A 304 -14.96 -19.27 -23.26
CA PHE A 304 -14.24 -17.99 -23.06
C PHE A 304 -15.24 -16.89 -22.70
N TYR A 305 -14.84 -15.98 -21.80
CA TYR A 305 -15.63 -14.78 -21.43
C TYR A 305 -14.67 -13.60 -21.27
N PHE A 306 -14.75 -12.62 -22.18
CA PHE A 306 -13.93 -11.39 -22.17
C PHE A 306 -14.18 -10.61 -20.88
N ILE A 307 -13.11 -10.13 -20.24
CA ILE A 307 -13.22 -9.22 -19.06
C ILE A 307 -12.63 -7.85 -19.37
N GLU A 308 -11.51 -7.76 -20.09
CA GLU A 308 -10.83 -6.47 -20.34
C GLU A 308 -9.69 -6.62 -21.33
N MET A 309 -9.25 -5.49 -21.88
CA MET A 309 -8.18 -5.45 -22.90
C MET A 309 -7.04 -4.55 -22.43
N ASN A 310 -5.81 -5.02 -22.55
CA ASN A 310 -4.58 -4.22 -22.30
C ASN A 310 -4.10 -3.67 -23.64
N THR A 311 -3.90 -2.36 -23.74
CA THR A 311 -3.51 -1.65 -24.98
C THR A 311 -2.03 -1.27 -24.91
N ARG A 312 -1.17 -2.26 -24.72
CA ARG A 312 0.25 -2.14 -24.33
C ARG A 312 0.91 -3.51 -24.48
N ILE A 313 2.23 -3.53 -24.59
CA ILE A 313 3.02 -4.78 -24.48
C ILE A 313 2.96 -5.20 -23.01
N GLN A 314 2.94 -6.50 -22.70
CA GLN A 314 2.81 -6.94 -21.30
C GLN A 314 4.10 -7.64 -20.85
N VAL A 315 4.27 -7.74 -19.54
CA VAL A 315 5.41 -8.46 -18.89
C VAL A 315 5.63 -9.78 -19.64
N GLU A 316 4.57 -10.56 -19.86
CA GLU A 316 4.68 -12.01 -20.18
C GLU A 316 4.74 -12.22 -21.70
N HIS A 317 4.99 -11.16 -22.48
CA HIS A 317 5.03 -11.23 -23.97
C HIS A 317 6.03 -12.26 -24.45
N PRO A 318 7.19 -12.49 -23.77
CA PRO A 318 8.18 -13.46 -24.29
C PRO A 318 7.71 -14.90 -24.54
N VAL A 319 6.75 -15.44 -23.79
CA VAL A 319 6.28 -16.84 -24.00
C VAL A 319 5.61 -16.92 -25.39
N THR A 320 4.91 -15.86 -25.81
CA THR A 320 4.26 -15.79 -27.15
C THR A 320 5.34 -15.71 -28.23
N GLU A 321 6.38 -14.89 -28.02
CA GLU A 321 7.51 -14.82 -28.96
C GLU A 321 8.13 -16.21 -29.17
N MET A 322 8.35 -16.99 -28.11
CA MET A 322 9.09 -18.27 -28.25
C MET A 322 8.27 -19.25 -29.10
N ILE A 323 6.94 -19.27 -29.00
CA ILE A 323 6.13 -20.34 -29.68
C ILE A 323 5.70 -19.89 -31.10
N THR A 324 5.88 -18.62 -31.47
CA THR A 324 5.52 -18.09 -32.82
C THR A 324 6.74 -17.64 -33.62
N GLY A 325 7.89 -17.36 -33.00
CA GLY A 325 9.05 -16.76 -33.70
C GLY A 325 8.90 -15.25 -33.95
N VAL A 326 7.79 -14.64 -33.53
CA VAL A 326 7.54 -13.19 -33.78
C VAL A 326 8.13 -12.33 -32.66
N ASP A 327 8.94 -11.34 -33.03
CA ASP A 327 9.52 -10.37 -32.09
C ASP A 327 8.49 -9.25 -31.92
N LEU A 328 7.76 -9.26 -30.81
CA LEU A 328 6.59 -8.36 -30.64
C LEU A 328 7.04 -6.91 -30.50
N ILE A 329 8.20 -6.65 -29.88
CA ILE A 329 8.69 -5.25 -29.70
C ILE A 329 9.09 -4.70 -31.07
N LYS A 330 9.80 -5.47 -31.89
CA LYS A 330 10.16 -5.00 -33.25
C LYS A 330 8.88 -4.73 -34.04
N GLU A 331 7.86 -5.59 -33.94
CA GLU A 331 6.58 -5.35 -34.66
C GLU A 331 6.02 -4.01 -34.20
N GLN A 332 6.03 -3.73 -32.88
CA GLN A 332 5.50 -2.45 -32.35
C GLN A 332 6.20 -1.28 -33.06
N LEU A 333 7.52 -1.38 -33.22
CA LEU A 333 8.35 -0.27 -33.79
C LEU A 333 8.11 -0.14 -35.29
N ARG A 334 7.99 -1.27 -35.99
N ARG A 334 8.00 -1.27 -36.00
CA ARG A 334 7.69 -1.30 -37.46
CA ARG A 334 7.67 -1.31 -37.46
C ARG A 334 6.30 -0.68 -37.68
C ARG A 334 6.30 -0.67 -37.67
N ILE A 335 5.30 -1.07 -36.89
CA ILE A 335 3.91 -0.55 -37.03
C ILE A 335 3.92 0.98 -36.87
N ALA A 336 4.62 1.48 -35.84
CA ALA A 336 4.66 2.93 -35.52
C ALA A 336 5.37 3.68 -36.65
N ALA A 337 6.39 3.08 -37.27
CA ALA A 337 7.11 3.67 -38.43
C ALA A 337 6.22 3.69 -39.69
N GLY A 338 5.09 2.98 -39.72
CA GLY A 338 4.20 2.92 -40.90
C GLY A 338 4.40 1.68 -41.78
N GLN A 339 5.10 0.67 -41.28
CA GLN A 339 5.33 -0.61 -42.02
C GLN A 339 4.20 -1.59 -41.72
N PRO A 340 3.85 -2.48 -42.68
CA PRO A 340 2.82 -3.49 -42.41
C PRO A 340 3.36 -4.55 -41.44
N LEU A 341 2.46 -5.36 -40.88
CA LEU A 341 2.90 -6.53 -40.07
C LEU A 341 3.85 -7.35 -40.95
N SER A 342 4.97 -7.80 -40.38
CA SER A 342 5.98 -8.64 -41.08
C SER A 342 5.46 -10.06 -41.39
N ILE A 343 4.38 -10.53 -40.75
CA ILE A 343 3.74 -11.87 -41.03
C ILE A 343 2.22 -11.74 -41.22
N LYS A 344 1.64 -12.64 -42.01
CA LYS A 344 0.18 -12.81 -42.19
C LYS A 344 -0.31 -13.93 -41.25
N GLN A 345 -1.63 -14.00 -41.00
CA GLN A 345 -2.24 -14.97 -40.07
C GLN A 345 -1.85 -16.42 -40.49
N GLU A 346 -1.87 -16.74 -41.77
CA GLU A 346 -1.62 -18.13 -42.27
C GLU A 346 -0.14 -18.50 -42.05
N GLU A 347 0.72 -17.53 -41.75
CA GLU A 347 2.17 -17.75 -41.48
C GLU A 347 2.42 -17.91 -39.98
N VAL A 348 1.43 -17.61 -39.13
CA VAL A 348 1.57 -17.74 -37.65
C VAL A 348 1.27 -19.19 -37.28
N HIS A 349 2.25 -19.92 -36.77
CA HIS A 349 2.11 -21.35 -36.34
C HIS A 349 2.53 -21.47 -34.88
N VAL A 350 1.66 -21.99 -34.00
CA VAL A 350 2.08 -22.39 -32.63
C VAL A 350 3.03 -23.58 -32.77
N ARG A 351 4.27 -23.43 -32.31
CA ARG A 351 5.25 -24.54 -32.29
C ARG A 351 5.87 -24.60 -30.89
N GLY A 352 5.77 -25.76 -30.27
CA GLY A 352 6.36 -26.05 -28.95
C GLY A 352 5.63 -25.33 -27.82
N HIS A 353 6.36 -25.08 -26.74
CA HIS A 353 5.79 -24.63 -25.46
C HIS A 353 6.80 -23.77 -24.74
N ALA A 354 6.35 -22.73 -24.06
CA ALA A 354 7.23 -21.85 -23.27
C ALA A 354 6.59 -21.55 -21.91
N VAL A 355 7.45 -21.50 -20.88
CA VAL A 355 7.08 -21.14 -19.51
C VAL A 355 7.93 -19.93 -19.11
N GLU A 356 7.31 -18.99 -18.39
CA GLU A 356 7.99 -17.80 -17.80
C GLU A 356 7.81 -17.85 -16.29
N CYS A 357 8.91 -17.81 -15.54
CA CYS A 357 8.94 -17.60 -14.07
C CYS A 357 9.37 -16.15 -13.81
N ARG A 358 8.53 -15.37 -13.15
CA ARG A 358 8.91 -13.99 -12.70
C ARG A 358 9.86 -14.14 -11.53
N ILE A 359 11.00 -13.46 -11.60
CA ILE A 359 11.97 -13.40 -10.49
C ILE A 359 11.79 -12.06 -9.78
N ASN A 360 11.48 -12.12 -8.49
CA ASN A 360 11.17 -10.95 -7.66
C ASN A 360 12.19 -10.89 -6.51
N ALA A 361 12.66 -9.68 -6.21
CA ALA A 361 13.32 -9.36 -4.94
C ALA A 361 12.24 -9.26 -3.86
N GLU A 362 11.83 -10.38 -3.29
CA GLU A 362 10.75 -10.38 -2.27
C GLU A 362 11.11 -11.30 -1.11
N ASP A 363 10.61 -10.96 0.08
CA ASP A 363 10.75 -11.82 1.28
C ASP A 363 9.80 -13.01 1.12
N PRO A 364 10.32 -14.24 1.32
CA PRO A 364 9.48 -15.46 1.18
C PRO A 364 8.32 -15.58 2.19
N ASN A 365 8.34 -14.88 3.33
CA ASN A 365 7.32 -15.06 4.40
C ASN A 365 6.32 -13.90 4.41
N THR A 366 6.76 -12.68 4.09
CA THR A 366 5.89 -11.46 4.04
C THR A 366 5.41 -11.19 2.61
N PHE A 367 6.16 -11.65 1.58
CA PHE A 367 5.99 -11.25 0.15
C PHE A 367 6.13 -9.74 -0.09
N LEU A 368 6.67 -8.96 0.86
CA LEU A 368 7.03 -7.54 0.64
C LEU A 368 8.26 -7.49 -0.25
N PRO A 369 8.44 -6.38 -1.00
CA PRO A 369 9.72 -6.14 -1.70
C PRO A 369 10.91 -6.24 -0.73
N SER A 370 12.04 -6.77 -1.22
CA SER A 370 13.29 -6.95 -0.46
C SER A 370 14.42 -6.35 -1.31
N PRO A 371 14.47 -5.00 -1.42
CA PRO A 371 15.49 -4.35 -2.24
C PRO A 371 16.86 -4.47 -1.56
N GLY A 372 17.94 -4.16 -2.28
CA GLY A 372 19.30 -4.13 -1.72
C GLY A 372 20.33 -4.53 -2.75
N LYS A 373 21.58 -4.69 -2.33
CA LYS A 373 22.72 -4.82 -3.25
C LYS A 373 22.92 -6.30 -3.59
N ILE A 374 22.96 -6.65 -4.87
CA ILE A 374 23.30 -8.03 -5.32
C ILE A 374 24.81 -8.18 -5.21
N THR A 375 25.29 -9.13 -4.42
CA THR A 375 26.74 -9.35 -4.19
C THR A 375 27.30 -10.39 -5.16
N ARG A 376 26.53 -11.37 -5.58
CA ARG A 376 26.99 -12.39 -6.57
C ARG A 376 25.82 -12.69 -7.51
N PHE A 377 26.10 -12.77 -8.80
CA PHE A 377 25.08 -13.01 -9.84
C PHE A 377 25.61 -13.99 -10.90
N HIS A 378 24.78 -14.99 -11.22
CA HIS A 378 25.03 -15.89 -12.36
C HIS A 378 23.71 -16.20 -13.06
N ALA A 379 23.66 -15.97 -14.37
CA ALA A 379 22.47 -16.23 -15.19
C ALA A 379 22.55 -17.66 -15.69
N PRO A 380 21.41 -18.35 -15.85
CA PRO A 380 21.41 -19.67 -16.51
C PRO A 380 21.67 -19.53 -18.02
N GLY A 381 22.03 -20.64 -18.65
CA GLY A 381 22.23 -20.74 -20.10
C GLY A 381 21.71 -22.07 -20.63
N GLY A 382 21.92 -22.34 -21.92
CA GLY A 382 21.50 -23.60 -22.57
C GLY A 382 20.46 -23.40 -23.65
N PHE A 383 20.17 -24.50 -24.34
CA PHE A 383 19.18 -24.59 -25.44
C PHE A 383 17.81 -24.27 -24.84
N GLY A 384 17.10 -23.32 -25.44
CA GLY A 384 15.73 -22.97 -25.06
C GLY A 384 15.65 -22.12 -23.80
N VAL A 385 16.77 -21.54 -23.36
CA VAL A 385 16.81 -20.76 -22.08
C VAL A 385 16.97 -19.26 -22.44
N ARG A 386 16.05 -18.42 -21.98
CA ARG A 386 16.06 -16.98 -22.30
C ARG A 386 15.95 -16.22 -20.97
N TRP A 387 16.91 -15.33 -20.71
CA TRP A 387 17.02 -14.58 -19.44
C TRP A 387 16.80 -13.10 -19.78
N GLU A 388 15.72 -12.51 -19.25
CA GLU A 388 15.35 -11.09 -19.47
C GLU A 388 15.52 -10.35 -18.14
N SER A 389 16.65 -9.70 -17.94
CA SER A 389 16.92 -8.91 -16.71
C SER A 389 18.00 -7.86 -16.94
N HIS A 390 17.88 -6.75 -16.23
CA HIS A 390 18.91 -5.69 -16.15
C HIS A 390 19.92 -5.99 -15.05
N ILE A 391 19.70 -6.98 -14.18
CA ILE A 391 20.53 -7.10 -12.95
C ILE A 391 21.91 -7.62 -13.32
N TYR A 392 22.89 -7.30 -12.47
CA TYR A 392 24.31 -7.70 -12.58
C TYR A 392 24.91 -7.73 -11.17
N ALA A 393 26.10 -8.32 -11.01
CA ALA A 393 26.85 -8.38 -9.73
C ALA A 393 27.20 -6.95 -9.32
N GLY A 394 26.84 -6.53 -8.11
CA GLY A 394 27.15 -5.17 -7.62
C GLY A 394 25.99 -4.21 -7.81
N TYR A 395 24.94 -4.59 -8.55
CA TYR A 395 23.77 -3.74 -8.85
C TYR A 395 22.89 -3.68 -7.60
N THR A 396 22.47 -2.47 -7.23
CA THR A 396 21.53 -2.21 -6.11
C THR A 396 20.10 -2.12 -6.65
N VAL A 397 19.25 -3.05 -6.21
CA VAL A 397 17.79 -3.01 -6.48
C VAL A 397 17.24 -1.89 -5.59
N PRO A 398 16.72 -0.77 -6.17
CA PRO A 398 16.24 0.35 -5.35
C PRO A 398 14.90 0.06 -4.68
N PRO A 399 14.58 0.70 -3.56
CA PRO A 399 13.28 0.53 -2.92
C PRO A 399 12.07 1.14 -3.66
N TYR A 400 12.28 1.98 -4.69
CA TYR A 400 11.26 2.98 -5.12
C TYR A 400 10.31 2.42 -6.17
N TYR A 401 10.61 1.25 -6.73
CA TYR A 401 9.93 0.68 -7.92
C TYR A 401 9.49 -0.74 -7.56
N ASP A 402 8.91 -1.47 -8.48
CA ASP A 402 8.28 -2.77 -8.13
C ASP A 402 9.37 -3.83 -7.91
N SER A 403 9.00 -4.99 -7.39
CA SER A 403 9.94 -6.03 -6.89
C SER A 403 10.49 -6.94 -8.02
N MET A 404 9.94 -6.88 -9.23
CA MET A 404 10.30 -7.84 -10.32
C MET A 404 11.67 -7.43 -10.89
N ILE A 405 12.69 -8.26 -10.71
CA ILE A 405 14.10 -7.97 -11.11
C ILE A 405 14.47 -8.74 -12.38
N GLY A 406 13.72 -9.78 -12.76
CA GLY A 406 14.03 -10.53 -13.99
C GLY A 406 12.90 -11.45 -14.40
N LYS A 407 13.06 -12.09 -15.56
CA LYS A 407 12.12 -13.08 -16.11
C LYS A 407 12.93 -14.23 -16.72
N LEU A 408 12.69 -15.46 -16.28
CA LEU A 408 13.35 -16.65 -16.85
C LEU A 408 12.31 -17.34 -17.73
N ILE A 409 12.62 -17.47 -19.01
CA ILE A 409 11.69 -18.04 -20.02
C ILE A 409 12.36 -19.26 -20.65
N CYS A 410 11.71 -20.40 -20.59
CA CYS A 410 12.25 -21.68 -21.11
C CYS A 410 11.29 -22.24 -22.14
N TYR A 411 11.84 -22.62 -23.29
CA TYR A 411 11.09 -23.16 -24.46
C TYR A 411 11.47 -24.63 -24.60
N GLY A 412 10.50 -25.46 -24.95
CA GLY A 412 10.76 -26.84 -25.41
C GLY A 412 9.81 -27.25 -26.53
N GLU A 413 10.12 -28.34 -27.21
CA GLU A 413 9.22 -28.87 -28.27
C GLU A 413 7.90 -29.33 -27.64
N ASN A 414 7.85 -29.59 -26.32
CA ASN A 414 6.54 -29.79 -25.62
C ASN A 414 6.61 -29.18 -24.20
N ARG A 415 5.49 -29.18 -23.49
CA ARG A 415 5.36 -28.58 -22.13
C ARG A 415 6.31 -29.25 -21.15
N ASP A 416 6.43 -30.57 -21.17
CA ASP A 416 7.32 -31.35 -20.27
C ASP A 416 8.77 -30.87 -20.46
N VAL A 417 9.21 -30.66 -21.68
CA VAL A 417 10.62 -30.27 -21.93
C VAL A 417 10.79 -28.81 -21.45
N ALA A 418 9.80 -27.95 -21.64
CA ALA A 418 9.88 -26.54 -21.17
C ALA A 418 10.04 -26.51 -19.64
N ILE A 419 9.27 -27.32 -18.94
CA ILE A 419 9.29 -27.42 -17.45
C ILE A 419 10.64 -28.00 -17.00
N ALA A 420 11.13 -29.05 -17.67
CA ALA A 420 12.43 -29.66 -17.34
C ALA A 420 13.54 -28.59 -17.45
N ARG A 421 13.55 -27.83 -18.52
CA ARG A 421 14.60 -26.80 -18.76
C ARG A 421 14.46 -25.70 -17.69
N MET A 422 13.25 -25.37 -17.30
CA MET A 422 13.05 -24.31 -16.26
C MET A 422 13.64 -24.80 -14.93
N LYS A 423 13.39 -26.04 -14.52
CA LYS A 423 13.95 -26.59 -13.25
C LYS A 423 15.47 -26.48 -13.29
N ASN A 424 16.10 -26.88 -14.39
CA ASN A 424 17.58 -26.81 -14.57
C ASN A 424 18.06 -25.35 -14.50
N ALA A 425 17.39 -24.44 -15.21
CA ALA A 425 17.79 -23.02 -15.27
C ALA A 425 17.65 -22.38 -13.88
N LEU A 426 16.59 -22.70 -13.16
CA LEU A 426 16.34 -22.15 -11.78
C LEU A 426 17.48 -22.60 -10.87
N GLN A 427 17.96 -23.83 -11.02
CA GLN A 427 19.08 -24.39 -10.21
C GLN A 427 20.40 -23.68 -10.55
N GLU A 428 20.56 -23.05 -11.73
CA GLU A 428 21.83 -22.38 -12.12
C GLU A 428 21.79 -20.91 -11.69
N LEU A 429 20.59 -20.35 -11.53
CA LEU A 429 20.38 -18.90 -11.28
C LEU A 429 20.91 -18.61 -9.87
N ILE A 430 21.93 -17.76 -9.77
CA ILE A 430 22.49 -17.27 -8.48
C ILE A 430 22.17 -15.79 -8.33
N ILE A 431 21.50 -15.41 -7.24
CA ILE A 431 21.25 -13.99 -6.88
C ILE A 431 21.47 -13.88 -5.38
N ASP A 432 22.68 -13.52 -4.96
CA ASP A 432 23.06 -13.42 -3.52
C ASP A 432 22.99 -11.96 -3.10
N GLY A 433 22.73 -11.72 -1.82
CA GLY A 433 22.71 -10.37 -1.21
C GLY A 433 21.30 -9.89 -0.94
N ILE A 434 20.31 -10.47 -1.61
CA ILE A 434 18.88 -10.07 -1.46
C ILE A 434 18.01 -11.34 -1.45
N LYS A 435 16.82 -11.27 -0.87
CA LYS A 435 15.86 -12.38 -0.89
C LYS A 435 15.13 -12.41 -2.23
N THR A 436 14.89 -13.60 -2.77
CA THR A 436 14.21 -13.81 -4.07
C THR A 436 13.19 -14.95 -3.94
N ASN A 437 12.28 -15.04 -4.91
CA ASN A 437 11.27 -16.10 -4.99
C ASN A 437 11.81 -17.28 -5.82
N VAL A 438 13.13 -17.40 -6.03
CA VAL A 438 13.67 -18.51 -6.86
C VAL A 438 13.22 -19.86 -6.26
N ASP A 439 13.27 -20.01 -4.93
CA ASP A 439 12.93 -21.27 -4.24
C ASP A 439 11.44 -21.56 -4.40
N LEU A 440 10.59 -20.53 -4.37
CA LEU A 440 9.14 -20.73 -4.65
C LEU A 440 8.96 -21.24 -6.09
N GLN A 441 9.66 -20.65 -7.06
CA GLN A 441 9.53 -21.03 -8.49
C GLN A 441 9.92 -22.51 -8.64
N ILE A 442 10.98 -22.94 -7.96
CA ILE A 442 11.44 -24.37 -8.00
C ILE A 442 10.32 -25.25 -7.44
N ARG A 443 9.69 -24.84 -6.34
CA ARG A 443 8.57 -25.61 -5.75
CA ARG A 443 8.55 -25.57 -5.72
C ARG A 443 7.42 -25.69 -6.74
N ILE A 444 7.08 -24.60 -7.42
CA ILE A 444 5.94 -24.61 -8.39
C ILE A 444 6.27 -25.58 -9.54
N MET A 445 7.50 -25.58 -10.05
CA MET A 445 7.89 -26.47 -11.19
C MET A 445 7.82 -27.94 -10.74
N ASN A 446 8.05 -28.24 -9.46
CA ASN A 446 7.97 -29.62 -8.89
C ASN A 446 6.55 -29.99 -8.46
N ASP A 447 5.58 -29.08 -8.57
CA ASP A 447 4.19 -29.34 -8.11
C ASP A 447 3.50 -30.30 -9.10
N GLU A 448 2.93 -31.40 -8.62
CA GLU A 448 2.33 -32.44 -9.49
C GLU A 448 1.14 -31.88 -10.25
N ASN A 449 0.38 -30.96 -9.64
CA ASN A 449 -0.83 -30.37 -10.25
C ASN A 449 -0.40 -29.47 -11.42
N PHE A 450 0.64 -28.64 -11.23
CA PHE A 450 1.23 -27.81 -12.30
C PHE A 450 1.76 -28.71 -13.42
N GLN A 451 2.46 -29.79 -13.08
CA GLN A 451 3.06 -30.76 -14.07
C GLN A 451 1.94 -31.37 -14.93
N HIS A 452 0.81 -31.70 -14.34
CA HIS A 452 -0.41 -32.14 -15.07
C HIS A 452 -0.92 -30.99 -15.94
N GLY A 453 -0.98 -29.78 -15.39
CA GLY A 453 -1.42 -28.56 -16.10
C GLY A 453 -2.89 -28.28 -15.89
N GLY A 454 -3.30 -27.04 -16.17
CA GLY A 454 -4.71 -26.61 -16.18
C GLY A 454 -5.19 -26.12 -14.83
N THR A 455 -4.33 -25.84 -13.85
CA THR A 455 -4.79 -25.41 -12.50
C THR A 455 -5.43 -24.02 -12.62
N ASN A 456 -6.32 -23.68 -11.71
CA ASN A 456 -7.19 -22.47 -11.82
C ASN A 456 -6.49 -21.29 -11.11
N ILE A 457 -7.10 -20.11 -11.13
CA ILE A 457 -6.52 -18.85 -10.61
C ILE A 457 -6.30 -18.93 -9.08
N HIS A 458 -7.00 -19.82 -8.36
CA HIS A 458 -6.95 -19.92 -6.89
C HIS A 458 -5.89 -20.94 -6.42
N TYR A 459 -5.24 -21.66 -7.34
CA TYR A 459 -4.42 -22.85 -6.98
C TYR A 459 -3.24 -22.44 -6.09
N LEU A 460 -2.46 -21.42 -6.48
CA LEU A 460 -1.22 -21.08 -5.77
C LEU A 460 -1.55 -20.63 -4.34
N GLU A 461 -2.58 -19.81 -4.13
CA GLU A 461 -3.02 -19.40 -2.76
C GLU A 461 -3.42 -20.63 -1.94
N LYS A 462 -4.02 -21.64 -2.56
CA LYS A 462 -4.42 -22.89 -1.86
C LYS A 462 -3.18 -23.69 -1.46
N LYS A 463 -2.24 -23.89 -2.37
CA LYS A 463 -0.96 -24.61 -2.13
C LYS A 463 -0.20 -23.93 -0.98
N LEU A 464 -0.09 -22.60 -0.98
CA LEU A 464 0.67 -21.82 0.03
C LEU A 464 -0.09 -21.82 1.36
N GLY A 465 -1.43 -21.86 1.33
CA GLY A 465 -2.27 -21.91 2.55
C GLY A 465 -2.05 -23.20 3.33
N LEU A 466 -1.71 -24.29 2.64
CA LEU A 466 -1.37 -25.62 3.22
C LEU A 466 0.09 -25.62 3.72
N GLN A 467 0.39 -26.45 4.73
N MET B 21 17.95 13.09 0.55
CA MET B 21 16.85 13.76 1.34
C MET B 21 15.67 14.15 0.42
N LEU B 22 14.44 14.06 0.91
CA LEU B 22 13.19 14.34 0.17
C LEU B 22 13.17 15.83 -0.22
N ASP B 23 12.93 16.16 -1.48
CA ASP B 23 12.96 17.59 -1.89
C ASP B 23 11.81 18.35 -1.20
N LYS B 24 10.61 17.75 -1.18
CA LYS B 24 9.35 18.46 -0.88
C LYS B 24 8.30 17.45 -0.45
N ILE B 25 7.60 17.73 0.64
CA ILE B 25 6.56 16.82 1.17
C ILE B 25 5.26 17.58 1.40
N VAL B 26 4.16 16.86 1.26
CA VAL B 26 2.83 17.29 1.74
C VAL B 26 2.67 16.83 3.19
N ILE B 27 2.28 17.74 4.07
CA ILE B 27 1.87 17.41 5.46
C ILE B 27 0.35 17.19 5.46
N ALA B 28 -0.09 15.93 5.34
CA ALA B 28 -1.52 15.53 5.26
C ALA B 28 -2.10 15.42 6.67
N ASN B 29 -2.16 16.54 7.37
CA ASN B 29 -2.65 16.61 8.78
C ASN B 29 -2.75 18.10 9.17
N ARG B 30 -3.00 18.35 10.45
CA ARG B 30 -3.38 19.68 10.98
C ARG B 30 -2.87 19.81 12.41
N GLY B 31 -3.17 20.95 13.03
CA GLY B 31 -2.93 21.16 14.46
C GLY B 31 -1.48 20.96 14.86
N GLU B 32 -1.27 20.43 16.08
CA GLU B 32 0.06 20.39 16.70
C GLU B 32 0.96 19.47 15.88
N ILE B 33 0.47 18.33 15.39
CA ILE B 33 1.36 17.33 14.71
C ILE B 33 1.83 17.87 13.37
N ALA B 34 1.02 18.68 12.68
CA ALA B 34 1.41 19.30 11.40
C ALA B 34 2.60 20.25 11.64
N LEU B 35 2.57 20.98 12.75
CA LEU B 35 3.62 21.95 13.14
C LEU B 35 4.90 21.18 13.51
N ARG B 36 4.75 20.09 14.28
CA ARG B 36 5.86 19.20 14.66
C ARG B 36 6.58 18.72 13.39
N ILE B 37 5.82 18.27 12.40
CA ILE B 37 6.37 17.72 11.12
C ILE B 37 7.04 18.87 10.34
N LEU B 38 6.39 20.03 10.26
CA LEU B 38 6.98 21.21 9.59
C LEU B 38 8.36 21.50 10.18
N ARG B 39 8.52 21.52 11.51
CA ARG B 39 9.83 21.84 12.11
C ARG B 39 10.89 20.81 11.69
N ALA B 40 10.56 19.51 11.73
CA ALA B 40 11.50 18.43 11.32
C ALA B 40 11.92 18.66 9.86
N CYS B 41 10.97 19.00 8.99
CA CYS B 41 11.22 19.26 7.54
C CYS B 41 12.23 20.42 7.39
N LYS B 42 11.98 21.54 8.07
CA LYS B 42 12.84 22.74 7.98
C LYS B 42 14.23 22.40 8.47
N GLU B 43 14.39 21.62 9.55
CA GLU B 43 15.73 21.25 10.07
C GLU B 43 16.50 20.44 9.02
N LEU B 44 15.81 19.67 8.19
CA LEU B 44 16.44 18.79 7.17
C LEU B 44 16.51 19.50 5.80
N GLY B 45 16.05 20.75 5.70
CA GLY B 45 15.99 21.51 4.44
C GLY B 45 14.98 20.93 3.45
N ILE B 46 13.94 20.27 3.94
CA ILE B 46 12.83 19.71 3.12
C ILE B 46 11.76 20.79 2.94
N LYS B 47 11.35 21.04 1.69
CA LYS B 47 10.28 22.04 1.40
C LYS B 47 8.95 21.48 1.89
N THR B 48 8.10 22.36 2.42
CA THR B 48 6.78 21.94 2.99
C THR B 48 5.62 22.44 2.14
N VAL B 49 4.63 21.57 1.94
CA VAL B 49 3.30 21.90 1.39
C VAL B 49 2.28 21.63 2.50
N ALA B 50 1.65 22.69 3.00
CA ALA B 50 0.54 22.62 3.97
C ALA B 50 -0.79 22.56 3.22
N VAL B 51 -1.39 21.37 3.18
CA VAL B 51 -2.81 21.18 2.76
C VAL B 51 -3.71 21.43 3.98
N HIS B 52 -4.78 22.20 3.79
CA HIS B 52 -5.67 22.64 4.87
C HIS B 52 -7.10 22.75 4.37
N SER B 53 -8.05 22.49 5.27
CA SER B 53 -9.47 22.87 5.13
C SER B 53 -9.57 24.39 5.13
N SER B 54 -10.67 24.92 4.60
CA SER B 54 -10.97 26.37 4.58
C SER B 54 -11.08 26.92 6.01
N ALA B 55 -11.37 26.09 7.02
CA ALA B 55 -11.47 26.54 8.44
C ALA B 55 -10.08 26.62 9.10
N ASP B 56 -9.03 26.11 8.44
CA ASP B 56 -7.67 25.98 9.03
C ASP B 56 -6.65 26.86 8.31
N ARG B 57 -7.11 27.87 7.56
N ARG B 57 -7.11 27.88 7.58
CA ARG B 57 -6.26 28.86 6.85
CA ARG B 57 -6.30 28.88 6.83
C ARG B 57 -5.25 29.51 7.80
C ARG B 57 -5.28 29.55 7.78
N ASP B 58 -5.64 29.72 9.06
CA ASP B 58 -4.86 30.45 10.08
C ASP B 58 -4.09 29.52 11.04
N LEU B 59 -4.01 28.20 10.79
CA LEU B 59 -3.11 27.29 11.55
C LEU B 59 -1.68 27.83 11.50
N LYS B 60 -0.98 27.80 12.62
CA LYS B 60 0.43 28.27 12.70
C LYS B 60 1.27 27.60 11.59
N HIS B 61 1.20 26.28 11.43
CA HIS B 61 2.06 25.60 10.44
C HIS B 61 1.70 26.06 9.02
N VAL B 62 0.43 26.37 8.72
CA VAL B 62 0.04 26.86 7.38
C VAL B 62 0.73 28.20 7.12
N LEU B 63 0.73 29.07 8.11
CA LEU B 63 1.35 30.42 8.04
C LEU B 63 2.88 30.27 7.91
N LEU B 64 3.49 29.15 8.32
CA LEU B 64 4.99 29.00 8.28
C LEU B 64 5.41 28.19 7.05
N ALA B 65 4.49 27.53 6.35
CA ALA B 65 4.80 26.54 5.29
C ALA B 65 5.31 27.24 4.03
N ASP B 66 6.13 26.57 3.21
CA ASP B 66 6.69 27.14 1.96
C ASP B 66 5.55 27.35 0.94
N GLU B 67 4.63 26.39 0.85
CA GLU B 67 3.46 26.47 -0.05
C GLU B 67 2.23 25.97 0.69
N THR B 68 1.05 26.43 0.27
CA THR B 68 -0.24 26.07 0.92
C THR B 68 -1.24 25.73 -0.17
N VAL B 69 -2.10 24.76 0.08
CA VAL B 69 -3.22 24.41 -0.82
C VAL B 69 -4.44 24.19 0.05
N CYS B 70 -5.54 24.89 -0.26
CA CYS B 70 -6.85 24.65 0.38
C CYS B 70 -7.47 23.42 -0.28
N ILE B 71 -7.63 22.31 0.43
CA ILE B 71 -8.07 21.02 -0.18
C ILE B 71 -9.56 20.77 0.03
N GLY B 72 -10.31 21.71 0.62
CA GLY B 72 -11.78 21.57 0.73
C GLY B 72 -12.36 22.33 1.92
N PRO B 73 -13.70 22.28 2.12
CA PRO B 73 -14.35 22.93 3.26
C PRO B 73 -14.09 22.22 4.60
N ALA B 74 -14.66 22.73 5.69
CA ALA B 74 -14.24 22.40 7.08
C ALA B 74 -14.29 20.90 7.36
N PRO B 75 -15.39 20.18 7.07
CA PRO B 75 -15.56 18.82 7.58
C PRO B 75 -14.44 17.93 7.04
N SER B 76 -13.91 17.08 7.89
CA SER B 76 -12.74 16.23 7.57
C SER B 76 -13.04 15.36 6.35
N VAL B 77 -14.27 14.89 6.18
CA VAL B 77 -14.64 13.98 5.05
C VAL B 77 -14.36 14.70 3.73
N LYS B 78 -14.46 16.03 3.72
CA LYS B 78 -14.31 16.88 2.51
C LYS B 78 -12.88 17.39 2.36
N SER B 79 -12.04 17.24 3.37
CA SER B 79 -10.68 17.84 3.40
C SER B 79 -9.65 16.77 3.78
N TYR B 80 -9.36 16.59 5.06
CA TYR B 80 -8.25 15.76 5.59
C TYR B 80 -8.45 14.26 5.32
N LEU B 81 -9.66 13.79 4.99
CA LEU B 81 -9.89 12.36 4.63
C LEU B 81 -10.15 12.25 3.12
N ASN B 82 -10.02 13.35 2.37
CA ASN B 82 -10.41 13.43 0.94
C ASN B 82 -9.17 13.01 0.09
N ILE B 83 -9.08 11.72 -0.23
CA ILE B 83 -7.84 11.14 -0.84
C ILE B 83 -7.54 11.84 -2.18
N PRO B 84 -8.50 11.96 -3.12
CA PRO B 84 -8.23 12.64 -4.38
C PRO B 84 -7.73 14.09 -4.23
N ALA B 85 -8.28 14.86 -3.28
CA ALA B 85 -7.89 16.27 -3.07
C ALA B 85 -6.44 16.33 -2.57
N ILE B 86 -6.05 15.44 -1.68
CA ILE B 86 -4.67 15.42 -1.12
C ILE B 86 -3.65 15.03 -2.22
N ILE B 87 -3.94 13.97 -2.97
CA ILE B 87 -3.04 13.48 -4.07
C ILE B 87 -2.91 14.59 -5.11
N SER B 88 -4.03 15.21 -5.47
CA SER B 88 -4.05 16.33 -6.45
C SER B 88 -3.13 17.47 -5.97
N ALA B 89 -3.16 17.83 -4.68
CA ALA B 89 -2.31 18.91 -4.12
C ALA B 89 -0.82 18.51 -4.20
N ALA B 90 -0.52 17.25 -3.92
CA ALA B 90 0.85 16.71 -3.98
C ALA B 90 1.37 16.74 -5.43
N GLU B 91 0.49 16.48 -6.40
CA GLU B 91 0.84 16.46 -7.86
C GLU B 91 1.13 17.89 -8.33
N ILE B 92 0.23 18.83 -8.06
CA ILE B 92 0.34 20.21 -8.64
C ILE B 92 1.51 20.98 -7.99
N THR B 93 1.90 20.66 -6.74
CA THR B 93 3.04 21.35 -6.04
C THR B 93 4.38 20.69 -6.38
N GLY B 94 4.38 19.54 -7.06
CA GLY B 94 5.62 18.79 -7.35
C GLY B 94 6.24 18.18 -6.09
N ALA B 95 5.46 17.83 -5.09
CA ALA B 95 5.96 17.14 -3.90
C ALA B 95 6.38 15.71 -4.30
N VAL B 96 7.23 15.06 -3.50
CA VAL B 96 7.69 13.67 -3.75
C VAL B 96 7.24 12.73 -2.63
N ALA B 97 6.66 13.22 -1.54
CA ALA B 97 6.32 12.37 -0.37
C ALA B 97 5.16 12.99 0.40
N ILE B 98 4.45 12.14 1.13
CA ILE B 98 3.30 12.57 1.98
C ILE B 98 3.49 11.99 3.39
N HIS B 99 3.48 12.85 4.40
CA HIS B 99 3.44 12.48 5.84
C HIS B 99 2.01 12.58 6.34
N PRO B 100 1.39 11.44 6.75
CA PRO B 100 0.01 11.46 7.22
C PRO B 100 -0.15 11.79 8.72
N GLY B 101 0.93 11.95 9.47
CA GLY B 101 0.85 12.24 10.92
C GLY B 101 0.22 11.08 11.67
N TYR B 102 -0.64 11.40 12.64
CA TYR B 102 -1.47 10.40 13.37
C TYR B 102 -2.94 10.74 13.09
N GLY B 103 -3.83 9.78 13.34
CA GLY B 103 -5.26 9.89 13.02
C GLY B 103 -5.46 10.02 11.51
N PHE B 104 -6.60 10.58 11.09
CA PHE B 104 -6.94 10.86 9.67
C PHE B 104 -6.59 9.62 8.84
N LEU B 105 -5.68 9.72 7.88
CA LEU B 105 -5.42 8.61 6.92
C LEU B 105 -4.17 7.80 7.28
N SER B 106 -3.58 7.98 8.47
CA SER B 106 -2.25 7.40 8.82
C SER B 106 -2.29 5.86 8.84
N GLU B 107 -3.43 5.25 9.20
CA GLU B 107 -3.58 3.76 9.26
C GLU B 107 -4.59 3.30 8.19
N ASN B 108 -4.74 4.10 7.13
CA ASN B 108 -5.61 3.78 5.98
C ASN B 108 -4.72 3.12 4.93
N ALA B 109 -4.82 1.79 4.81
CA ALA B 109 -3.94 0.98 3.93
C ALA B 109 -4.18 1.37 2.47
N ASN B 110 -5.43 1.55 2.07
CA ASN B 110 -5.81 1.98 0.69
C ASN B 110 -5.13 3.31 0.38
N PHE B 111 -5.11 4.25 1.31
CA PHE B 111 -4.41 5.54 1.11
C PHE B 111 -2.92 5.29 0.87
N ALA B 112 -2.25 4.53 1.73
CA ALA B 112 -0.80 4.26 1.62
C ALA B 112 -0.52 3.67 0.22
N GLU B 113 -1.36 2.73 -0.21
CA GLU B 113 -1.23 2.04 -1.52
C GLU B 113 -1.39 3.06 -2.66
N GLN B 114 -2.43 3.90 -2.60
CA GLN B 114 -2.72 4.94 -3.62
C GLN B 114 -1.53 5.92 -3.69
N VAL B 115 -0.97 6.31 -2.56
CA VAL B 115 0.17 7.28 -2.52
C VAL B 115 1.34 6.66 -3.32
N GLU B 116 1.68 5.40 -3.02
CA GLU B 116 2.77 4.66 -3.74
C GLU B 116 2.39 4.48 -5.21
N ARG B 117 1.14 4.15 -5.53
CA ARG B 117 0.73 3.92 -6.95
C ARG B 117 0.83 5.22 -7.74
N SER B 118 0.51 6.36 -7.13
CA SER B 118 0.60 7.71 -7.75
C SER B 118 2.06 8.18 -7.80
N GLY B 119 3.01 7.38 -7.27
CA GLY B 119 4.47 7.57 -7.46
C GLY B 119 5.11 8.44 -6.38
N PHE B 120 4.43 8.64 -5.27
CA PHE B 120 4.93 9.36 -4.08
C PHE B 120 5.52 8.36 -3.08
N ILE B 121 6.45 8.85 -2.26
CA ILE B 121 6.88 8.15 -1.02
C ILE B 121 5.82 8.39 0.05
N PHE B 122 5.38 7.28 0.66
CA PHE B 122 4.51 7.28 1.86
C PHE B 122 5.42 7.23 3.10
N ILE B 123 5.29 8.24 3.97
CA ILE B 123 6.13 8.30 5.20
C ILE B 123 5.43 7.44 6.24
N GLY B 124 5.72 6.14 6.19
CA GLY B 124 5.03 5.10 6.98
C GLY B 124 5.35 3.74 6.41
N PRO B 125 4.71 2.67 6.92
CA PRO B 125 5.05 1.32 6.49
C PRO B 125 4.49 1.01 5.09
N LYS B 126 4.82 -0.17 4.56
CA LYS B 126 4.15 -0.74 3.37
C LYS B 126 2.66 -0.92 3.67
N ALA B 127 1.81 -0.71 2.67
CA ALA B 127 0.34 -0.84 2.78
C ALA B 127 -0.03 -2.23 3.35
N GLU B 128 0.63 -3.29 2.88
CA GLU B 128 0.34 -4.69 3.32
C GLU B 128 0.65 -4.82 4.81
N THR B 129 1.63 -4.06 5.33
CA THR B 129 1.99 -4.11 6.77
C THR B 129 0.88 -3.41 7.58
N ILE B 130 0.36 -2.29 7.06
CA ILE B 130 -0.76 -1.56 7.72
C ILE B 130 -1.97 -2.51 7.78
N ARG B 131 -2.22 -3.29 6.73
CA ARG B 131 -3.40 -4.20 6.68
C ARG B 131 -3.22 -5.30 7.70
N LEU B 132 -2.04 -5.93 7.72
CA LEU B 132 -1.69 -7.04 8.63
C LEU B 132 -1.93 -6.59 10.08
N MET B 133 -1.41 -5.43 10.48
CA MET B 133 -1.39 -5.01 11.90
C MET B 133 -2.69 -4.29 12.28
N GLY B 134 -3.46 -3.79 11.31
CA GLY B 134 -4.78 -3.18 11.53
C GLY B 134 -5.87 -4.22 11.69
N ASP B 135 -5.61 -5.46 11.27
CA ASP B 135 -6.52 -6.58 11.57
C ASP B 135 -6.00 -7.26 12.85
N LYS B 136 -6.74 -7.14 13.94
CA LYS B 136 -6.21 -7.47 15.30
C LYS B 136 -5.95 -8.98 15.37
N VAL B 137 -6.77 -9.81 14.74
CA VAL B 137 -6.53 -11.29 14.74
C VAL B 137 -5.25 -11.63 13.99
N SER B 138 -5.06 -11.10 12.78
CA SER B 138 -3.85 -11.39 11.95
C SER B 138 -2.62 -10.79 12.65
N ALA B 139 -2.75 -9.62 13.30
CA ALA B 139 -1.64 -8.98 14.02
C ALA B 139 -1.17 -9.85 15.18
N ILE B 140 -2.10 -10.38 15.98
CA ILE B 140 -1.78 -11.25 17.15
C ILE B 140 -1.09 -12.53 16.64
N ALA B 141 -1.58 -13.15 15.56
CA ALA B 141 -0.96 -14.37 15.01
C ALA B 141 0.48 -14.08 14.59
N ALA B 142 0.75 -12.93 13.97
CA ALA B 142 2.09 -12.52 13.51
C ALA B 142 3.01 -12.33 14.73
N MET B 143 2.52 -11.65 15.77
CA MET B 143 3.31 -11.34 16.98
C MET B 143 3.63 -12.64 17.74
N LYS B 144 2.64 -13.53 17.90
CA LYS B 144 2.84 -14.81 18.61
C LYS B 144 3.89 -15.64 17.87
N LYS B 145 3.79 -15.70 16.54
CA LYS B 145 4.77 -16.40 15.67
C LYS B 145 6.17 -15.78 15.83
N ALA B 146 6.28 -14.47 16.03
CA ALA B 146 7.58 -13.76 16.14
C ALA B 146 8.22 -13.95 17.52
N GLY B 147 7.47 -14.41 18.52
CA GLY B 147 7.95 -14.63 19.91
C GLY B 147 7.57 -13.49 20.85
N VAL B 148 6.67 -12.60 20.44
CA VAL B 148 6.11 -11.52 21.31
C VAL B 148 5.02 -12.16 22.16
N PRO B 149 5.06 -12.00 23.51
CA PRO B 149 4.04 -12.61 24.36
C PRO B 149 2.72 -11.85 24.13
N CYS B 150 1.64 -12.61 23.98
CA CYS B 150 0.26 -12.12 23.76
C CYS B 150 -0.64 -12.52 24.93
N VAL B 151 -1.83 -11.94 25.01
CA VAL B 151 -2.82 -12.32 26.06
C VAL B 151 -3.29 -13.74 25.77
N PRO B 152 -3.38 -14.67 26.77
CA PRO B 152 -4.09 -15.93 26.55
C PRO B 152 -5.45 -15.63 25.92
N GLY B 153 -5.79 -16.34 24.83
CA GLY B 153 -6.92 -15.99 23.96
C GLY B 153 -7.34 -17.12 23.04
N SER B 154 -8.32 -16.85 22.18
CA SER B 154 -8.82 -17.77 21.13
C SER B 154 -7.71 -18.12 20.13
N ASP B 155 -6.72 -17.23 19.92
CA ASP B 155 -5.68 -17.42 18.87
C ASP B 155 -6.39 -17.72 17.54
N GLY B 156 -7.30 -16.85 17.14
CA GLY B 156 -8.15 -17.02 15.95
C GLY B 156 -9.54 -16.44 16.19
N PRO B 157 -10.36 -16.26 15.12
CA PRO B 157 -11.69 -15.70 15.27
C PRO B 157 -12.63 -16.73 15.92
N LEU B 158 -13.66 -16.27 16.63
CA LEU B 158 -14.67 -17.16 17.26
C LEU B 158 -15.69 -17.56 16.19
N GLY B 159 -16.08 -18.83 16.16
CA GLY B 159 -17.19 -19.33 15.33
C GLY B 159 -18.49 -19.20 16.07
N ASP B 160 -19.54 -19.89 15.58
CA ASP B 160 -20.92 -19.86 16.14
C ASP B 160 -21.16 -21.13 16.97
N ASP B 161 -20.15 -22.00 17.11
CA ASP B 161 -20.18 -23.18 18.00
C ASP B 161 -19.90 -22.72 19.44
N MET B 162 -20.97 -22.64 20.25
CA MET B 162 -20.96 -22.12 21.65
C MET B 162 -20.30 -23.14 22.60
N ASP B 163 -20.28 -24.44 22.23
CA ASP B 163 -19.49 -25.48 22.95
C ASP B 163 -18.00 -25.10 22.86
N LYS B 164 -17.51 -24.76 21.68
CA LYS B 164 -16.08 -24.38 21.48
C LYS B 164 -15.80 -23.02 22.12
N ASN B 165 -16.74 -22.07 22.04
CA ASN B 165 -16.58 -20.73 22.67
C ASN B 165 -16.48 -20.90 24.20
N ARG B 166 -17.32 -21.73 24.81
CA ARG B 166 -17.27 -22.00 26.27
C ARG B 166 -15.92 -22.66 26.64
N ALA B 167 -15.44 -23.62 25.83
CA ALA B 167 -14.17 -24.35 26.04
C ALA B 167 -12.99 -23.38 25.97
N ILE B 168 -13.04 -22.36 25.10
CA ILE B 168 -11.97 -21.33 25.02
C ILE B 168 -11.99 -20.48 26.30
N ALA B 169 -13.17 -20.03 26.76
CA ALA B 169 -13.36 -19.25 28.00
C ALA B 169 -12.84 -20.05 29.22
N LYS B 170 -13.13 -21.36 29.27
CA LYS B 170 -12.71 -22.28 30.35
C LYS B 170 -11.17 -22.37 30.40
N ARG B 171 -10.53 -22.64 29.25
CA ARG B 171 -9.04 -22.77 29.11
C ARG B 171 -8.38 -21.44 29.53
N ILE B 172 -8.89 -20.31 29.03
CA ILE B 172 -8.40 -18.93 29.34
C ILE B 172 -8.64 -18.65 30.84
N GLY B 173 -9.86 -18.91 31.32
CA GLY B 173 -10.31 -18.62 32.70
C GLY B 173 -11.03 -17.28 32.77
N TYR B 174 -12.30 -17.26 33.20
CA TYR B 174 -13.10 -16.03 33.40
C TYR B 174 -12.36 -15.12 34.39
N PRO B 175 -12.52 -13.78 34.32
CA PRO B 175 -13.25 -13.12 33.24
C PRO B 175 -12.49 -13.10 31.90
N VAL B 176 -13.24 -13.02 30.80
CA VAL B 176 -12.72 -12.89 29.41
C VAL B 176 -13.27 -11.61 28.79
N ILE B 177 -12.73 -11.23 27.63
CA ILE B 177 -13.20 -10.05 26.86
C ILE B 177 -13.30 -10.45 25.39
N ILE B 178 -14.41 -10.05 24.75
CA ILE B 178 -14.66 -10.21 23.28
C ILE B 178 -14.28 -8.88 22.62
N LYS B 179 -13.48 -8.93 21.55
CA LYS B 179 -13.04 -7.74 20.77
C LYS B 179 -13.30 -7.96 19.28
N ALA B 180 -13.68 -6.87 18.60
CA ALA B 180 -13.76 -6.76 17.12
C ALA B 180 -12.35 -6.78 16.52
N SER B 181 -12.14 -7.61 15.48
CA SER B 181 -10.85 -7.69 14.74
C SER B 181 -10.59 -6.37 14.01
N GLY B 182 -11.64 -5.70 13.51
CA GLY B 182 -11.58 -4.38 12.85
C GLY B 182 -11.70 -3.23 13.85
N GLY B 183 -11.70 -3.54 15.15
CA GLY B 183 -12.05 -2.61 16.25
C GLY B 183 -10.91 -1.69 16.61
N GLY B 184 -11.10 -0.88 17.68
CA GLY B 184 -10.08 0.07 18.17
C GLY B 184 -10.68 1.22 18.96
N GLY B 185 -9.84 1.97 19.66
CA GLY B 185 -10.22 3.09 20.54
C GLY B 185 -11.15 2.66 21.67
N GLY B 186 -11.27 1.35 21.92
CA GLY B 186 -12.11 0.78 22.99
C GLY B 186 -13.52 0.45 22.53
N ARG B 187 -13.93 0.90 21.34
CA ARG B 187 -15.27 0.60 20.77
C ARG B 187 -15.28 -0.81 20.18
N GLY B 188 -16.34 -1.58 20.43
CA GLY B 188 -16.50 -2.98 19.99
C GLY B 188 -15.83 -3.97 20.94
N MET B 189 -15.95 -3.75 22.25
CA MET B 189 -15.37 -4.58 23.34
C MET B 189 -16.46 -4.94 24.36
N ARG B 190 -16.47 -6.18 24.85
CA ARG B 190 -17.43 -6.60 25.92
C ARG B 190 -16.76 -7.60 26.88
N VAL B 191 -16.73 -7.26 28.17
CA VAL B 191 -16.23 -8.16 29.25
C VAL B 191 -17.33 -9.18 29.58
N VAL B 192 -16.95 -10.44 29.71
CA VAL B 192 -17.84 -11.58 30.09
C VAL B 192 -17.27 -12.25 31.35
N ARG B 193 -18.10 -12.43 32.39
CA ARG B 193 -17.64 -12.89 33.72
C ARG B 193 -18.19 -14.29 34.03
N GLY B 194 -19.03 -14.86 33.15
CA GLY B 194 -19.54 -16.26 33.26
C GLY B 194 -20.25 -16.73 32.00
N ASP B 195 -20.54 -18.03 31.91
CA ASP B 195 -21.10 -18.70 30.69
C ASP B 195 -22.46 -18.13 30.31
N ALA B 196 -23.28 -17.74 31.28
CA ALA B 196 -24.68 -17.30 31.08
C ALA B 196 -24.71 -16.09 30.12
N GLU B 197 -23.66 -15.27 30.14
CA GLU B 197 -23.57 -14.00 29.37
C GLU B 197 -22.81 -14.21 28.05
N LEU B 198 -22.13 -15.35 27.84
CA LEU B 198 -21.13 -15.51 26.74
C LEU B 198 -21.80 -15.42 25.36
N ALA B 199 -22.88 -16.16 25.11
CA ALA B 199 -23.61 -16.22 23.83
C ALA B 199 -24.05 -14.80 23.40
N GLN B 200 -24.78 -14.11 24.28
CA GLN B 200 -25.34 -12.76 23.99
C GLN B 200 -24.19 -11.75 23.81
N SER B 201 -23.12 -11.85 24.62
CA SER B 201 -21.93 -10.95 24.56
C SER B 201 -21.23 -11.09 23.20
N ILE B 202 -21.08 -12.32 22.69
CA ILE B 202 -20.42 -12.60 21.38
C ILE B 202 -21.30 -12.01 20.27
N SER B 203 -22.59 -12.34 20.30
CA SER B 203 -23.61 -11.87 19.33
C SER B 203 -23.63 -10.33 19.24
N MET B 204 -23.65 -9.65 20.38
CA MET B 204 -23.77 -8.16 20.44
C MET B 204 -22.44 -7.55 19.95
N THR B 205 -21.29 -8.10 20.33
CA THR B 205 -19.97 -7.61 19.83
C THR B 205 -19.92 -7.75 18.30
N ARG B 206 -20.36 -8.89 17.75
CA ARG B 206 -20.47 -9.10 16.27
C ARG B 206 -21.31 -8.00 15.62
N ALA B 207 -22.55 -7.81 16.08
CA ALA B 207 -23.53 -6.86 15.49
C ALA B 207 -22.92 -5.46 15.47
N GLU B 208 -22.30 -5.04 16.59
CA GLU B 208 -21.66 -3.69 16.75
C GLU B 208 -20.49 -3.54 15.77
N ALA B 209 -19.65 -4.58 15.62
CA ALA B 209 -18.49 -4.60 14.68
C ALA B 209 -18.99 -4.53 13.24
N LYS B 210 -20.05 -5.27 12.89
CA LYS B 210 -20.59 -5.29 11.51
C LYS B 210 -21.10 -3.89 11.14
N ALA B 211 -21.86 -3.26 12.04
CA ALA B 211 -22.53 -1.95 11.81
C ALA B 211 -21.49 -0.82 11.70
N ALA B 212 -20.36 -0.94 12.40
CA ALA B 212 -19.32 0.12 12.52
C ALA B 212 -18.20 -0.08 11.48
N PHE B 213 -17.69 -1.30 11.32
CA PHE B 213 -16.46 -1.61 10.54
C PHE B 213 -16.75 -2.49 9.32
N SER B 214 -18.02 -2.82 9.08
CA SER B 214 -18.43 -3.78 8.01
C SER B 214 -17.57 -5.04 8.13
N ASN B 215 -17.32 -5.49 9.36
CA ASN B 215 -16.45 -6.66 9.66
C ASN B 215 -16.89 -7.25 11.00
N ASP B 216 -17.60 -8.39 10.96
CA ASP B 216 -18.23 -9.02 12.15
C ASP B 216 -17.25 -9.98 12.85
N MET B 217 -15.98 -10.02 12.43
CA MET B 217 -14.99 -10.96 13.01
C MET B 217 -14.64 -10.52 14.45
N VAL B 218 -14.65 -11.46 15.40
CA VAL B 218 -14.37 -11.20 16.84
C VAL B 218 -13.39 -12.27 17.33
N TYR B 219 -12.66 -11.94 18.40
CA TYR B 219 -11.72 -12.85 19.11
C TYR B 219 -11.92 -12.70 20.62
N MET B 220 -11.30 -13.59 21.39
CA MET B 220 -11.45 -13.64 22.87
C MET B 220 -10.05 -13.55 23.49
N GLU B 221 -9.92 -12.75 24.56
CA GLU B 221 -8.71 -12.69 25.42
C GLU B 221 -9.14 -12.88 26.87
N LYS B 222 -8.23 -13.37 27.71
CA LYS B 222 -8.32 -13.27 29.19
C LYS B 222 -8.42 -11.77 29.53
N TYR B 223 -9.40 -11.38 30.35
CA TYR B 223 -9.56 -9.97 30.78
C TYR B 223 -8.66 -9.73 32.00
N LEU B 224 -7.70 -8.83 31.86
CA LEU B 224 -6.83 -8.41 32.99
C LEU B 224 -7.51 -7.24 33.72
N GLU B 225 -7.68 -7.41 35.02
CA GLU B 225 -8.54 -6.54 35.85
C GLU B 225 -7.86 -5.21 36.09
N ASN B 226 -6.57 -5.20 36.42
CA ASN B 226 -5.87 -3.95 36.82
C ASN B 226 -4.50 -3.86 36.16
N PRO B 227 -4.42 -3.84 34.81
CA PRO B 227 -3.14 -3.70 34.13
C PRO B 227 -2.71 -2.24 34.08
N ARG B 228 -1.42 -2.03 33.79
CA ARG B 228 -0.89 -0.76 33.25
C ARG B 228 -0.83 -0.86 31.71
N HIS B 229 -0.96 0.27 31.04
CA HIS B 229 -0.85 0.39 29.57
C HIS B 229 0.57 0.86 29.25
N VAL B 230 1.42 -0.07 28.80
CA VAL B 230 2.87 0.18 28.57
C VAL B 230 3.16 -0.14 27.10
N GLU B 231 3.80 0.79 26.40
CA GLU B 231 4.01 0.62 24.94
C GLU B 231 5.49 0.82 24.61
N ILE B 232 5.95 0.08 23.61
CA ILE B 232 7.37 0.10 23.14
C ILE B 232 7.41 0.84 21.80
N GLN B 233 8.23 1.89 21.73
CA GLN B 233 8.58 2.60 20.49
C GLN B 233 9.61 1.78 19.71
N VAL B 234 9.38 1.61 18.41
CA VAL B 234 10.40 1.06 17.47
C VAL B 234 10.63 2.02 16.30
N LEU B 235 11.80 1.87 15.68
CA LEU B 235 12.19 2.41 14.36
C LEU B 235 12.79 1.23 13.59
N ALA B 236 12.35 1.04 12.36
CA ALA B 236 12.92 0.07 11.41
C ALA B 236 13.08 0.77 10.05
N ASP B 237 14.12 0.43 9.29
CA ASP B 237 14.39 1.09 7.99
C ASP B 237 13.72 0.35 6.83
N GLY B 238 13.13 -0.83 7.09
CA GLY B 238 12.60 -1.73 6.06
C GLY B 238 13.70 -2.42 5.27
N GLN B 239 14.96 -2.28 5.70
CA GLN B 239 16.16 -2.80 5.01
C GLN B 239 16.80 -3.89 5.87
N GLY B 240 16.17 -4.27 6.99
CA GLY B 240 16.63 -5.37 7.86
C GLY B 240 17.03 -4.88 9.26
N ASN B 241 17.11 -3.58 9.49
CA ASN B 241 17.57 -3.03 10.80
C ASN B 241 16.33 -2.57 11.58
N ALA B 242 16.30 -2.86 12.88
CA ALA B 242 15.20 -2.43 13.79
C ALA B 242 15.77 -2.19 15.19
N ILE B 243 15.32 -1.10 15.83
CA ILE B 243 15.73 -0.76 17.22
C ILE B 243 14.48 -0.41 18.04
N TYR B 244 14.59 -0.58 19.35
CA TYR B 244 13.57 -0.19 20.35
C TYR B 244 14.12 1.01 21.12
N LEU B 245 13.22 1.93 21.45
CA LEU B 245 13.56 3.19 22.15
C LEU B 245 12.76 3.24 23.44
N ALA B 246 12.98 2.23 24.28
CA ALA B 246 12.36 2.08 25.62
C ALA B 246 10.84 2.11 25.49
N GLU B 247 10.16 2.45 26.58
CA GLU B 247 8.70 2.27 26.75
C GLU B 247 8.09 3.57 27.28
N ARG B 248 6.78 3.66 27.17
CA ARG B 248 5.95 4.73 27.72
C ARG B 248 4.85 4.09 28.55
N ASP B 249 4.53 4.69 29.69
CA ASP B 249 3.34 4.35 30.50
C ASP B 249 2.26 5.37 30.17
N CYS B 250 1.13 4.85 29.65
CA CYS B 250 -0.03 5.63 29.12
C CYS B 250 -1.29 5.27 29.94
N SER B 251 -1.10 4.80 31.18
CA SER B 251 -2.17 4.28 32.06
C SER B 251 -3.09 5.42 32.55
N MET B 252 -2.57 6.65 32.68
CA MET B 252 -3.38 7.78 33.23
C MET B 252 -4.32 8.26 32.11
N GLN B 253 -5.56 7.77 32.13
CA GLN B 253 -6.49 7.88 30.99
C GLN B 253 -7.93 7.86 31.50
N ARG B 254 -8.84 8.33 30.66
CA ARG B 254 -10.27 8.50 30.97
C ARG B 254 -11.05 8.16 29.70
N ARG B 255 -11.99 7.22 29.79
CA ARG B 255 -12.88 6.79 28.67
C ARG B 255 -12.07 6.52 27.42
N HIS B 256 -10.95 5.79 27.53
CA HIS B 256 -10.05 5.42 26.40
C HIS B 256 -9.37 6.65 25.77
N GLN B 257 -9.34 7.80 26.44
CA GLN B 257 -8.50 8.97 26.03
C GLN B 257 -7.31 9.08 27.00
N LYS B 258 -6.09 8.92 26.52
CA LYS B 258 -4.86 9.20 27.29
C LYS B 258 -4.87 10.67 27.76
N VAL B 259 -4.46 10.94 28.99
CA VAL B 259 -4.42 12.31 29.60
C VAL B 259 -2.96 12.67 29.96
N VAL B 260 -2.24 11.76 30.61
CA VAL B 260 -0.78 11.89 30.91
C VAL B 260 -0.07 10.66 30.37
N GLU B 261 1.10 10.85 29.74
CA GLU B 261 2.01 9.73 29.38
C GLU B 261 3.41 10.06 29.95
N GLU B 262 4.21 9.03 30.23
CA GLU B 262 5.58 9.24 30.76
C GLU B 262 6.51 8.15 30.22
N ALA B 263 7.80 8.48 30.20
CA ALA B 263 8.89 7.57 29.79
C ALA B 263 10.10 7.83 30.68
N PRO B 264 10.80 6.79 31.15
CA PRO B 264 10.34 5.40 31.04
C PRO B 264 9.15 5.10 31.96
N ALA B 265 8.63 3.89 31.93
CA ALA B 265 7.58 3.40 32.85
C ALA B 265 8.17 3.11 34.23
N PRO B 266 7.64 3.71 35.31
CA PRO B 266 8.07 3.39 36.68
C PRO B 266 8.00 1.88 37.00
N GLY B 267 9.05 1.36 37.64
CA GLY B 267 9.13 -0.04 38.09
C GLY B 267 9.68 -0.98 37.02
N ILE B 268 9.81 -0.54 35.77
CA ILE B 268 10.41 -1.37 34.68
C ILE B 268 11.93 -1.32 34.82
N THR B 269 12.55 -2.46 35.08
CA THR B 269 14.02 -2.63 35.22
C THR B 269 14.68 -2.61 33.85
N PRO B 270 16.00 -2.39 33.75
CA PRO B 270 16.73 -2.54 32.48
C PRO B 270 16.60 -3.95 31.86
N GLU B 271 16.51 -5.00 32.69
CA GLU B 271 16.47 -6.42 32.22
C GLU B 271 15.10 -6.68 31.57
N LEU B 272 14.01 -6.18 32.14
CA LEU B 272 12.64 -6.27 31.57
C LEU B 272 12.58 -5.46 30.27
N ARG B 273 13.06 -4.22 30.28
CA ARG B 273 13.07 -3.31 29.08
C ARG B 273 13.73 -4.05 27.91
N ARG B 274 14.92 -4.57 28.16
CA ARG B 274 15.74 -5.33 27.19
C ARG B 274 14.96 -6.57 26.70
N TYR B 275 14.33 -7.31 27.60
CA TYR B 275 13.55 -8.53 27.27
C TYR B 275 12.50 -8.19 26.22
N ILE B 276 11.63 -7.22 26.51
CA ILE B 276 10.44 -6.93 25.68
C ILE B 276 10.87 -6.14 24.43
N GLY B 277 11.88 -5.28 24.57
CA GLY B 277 12.41 -4.45 23.48
C GLY B 277 12.96 -5.32 22.36
N GLU B 278 13.77 -6.31 22.72
CA GLU B 278 14.40 -7.24 21.76
C GLU B 278 13.31 -8.03 21.01
N ARG B 279 12.24 -8.43 21.69
CA ARG B 279 11.15 -9.22 21.04
C ARG B 279 10.39 -8.31 20.07
N CYS B 280 10.21 -7.03 20.40
CA CYS B 280 9.58 -6.05 19.49
C CYS B 280 10.46 -5.78 18.25
N ALA B 281 11.76 -5.56 18.42
CA ALA B 281 12.71 -5.30 17.32
C ALA B 281 12.74 -6.52 16.38
N LYS B 282 12.79 -7.72 16.94
CA LYS B 282 12.83 -8.98 16.17
C LYS B 282 11.51 -9.14 15.39
N ALA B 283 10.38 -8.79 15.99
CA ALA B 283 9.06 -8.81 15.31
C ALA B 283 9.07 -7.87 14.10
N CYS B 284 9.61 -6.64 14.24
CA CYS B 284 9.78 -5.68 13.10
C CYS B 284 10.51 -6.34 11.94
N VAL B 285 11.62 -7.04 12.21
CA VAL B 285 12.39 -7.72 11.13
C VAL B 285 11.48 -8.77 10.48
N ASP B 286 10.79 -9.59 11.28
CA ASP B 286 9.96 -10.72 10.77
C ASP B 286 8.84 -10.21 9.84
N ILE B 287 8.22 -9.07 10.15
CA ILE B 287 7.05 -8.55 9.36
C ILE B 287 7.49 -7.50 8.33
N GLY B 288 8.79 -7.24 8.20
CA GLY B 288 9.33 -6.27 7.22
C GLY B 288 8.89 -4.85 7.52
N TYR B 289 8.78 -4.49 8.80
CA TYR B 289 8.22 -3.18 9.22
C TYR B 289 9.15 -2.08 8.70
N ARG B 290 8.58 -0.93 8.33
CA ARG B 290 9.34 0.25 7.83
C ARG B 290 8.77 1.50 8.51
N GLY B 291 9.63 2.26 9.20
CA GLY B 291 9.32 3.56 9.81
C GLY B 291 9.16 3.44 11.31
N ALA B 292 8.52 4.45 11.91
CA ALA B 292 8.18 4.50 13.35
C ALA B 292 6.97 3.60 13.60
N GLY B 293 6.98 2.91 14.72
CA GLY B 293 5.78 2.17 15.18
C GLY B 293 5.76 1.99 16.68
N THR B 294 4.61 1.59 17.21
CA THR B 294 4.41 1.34 18.65
C THR B 294 3.73 -0.01 18.86
N PHE B 295 4.34 -0.84 19.72
CA PHE B 295 3.72 -2.07 20.25
C PHE B 295 3.04 -1.73 21.58
N GLU B 296 1.73 -1.90 21.63
CA GLU B 296 0.93 -1.70 22.86
C GLU B 296 0.84 -3.02 23.65
N PHE B 297 1.12 -2.93 24.95
CA PHE B 297 1.05 -4.04 25.93
C PHE B 297 0.13 -3.67 27.10
N LEU B 298 -0.54 -4.69 27.63
CA LEU B 298 -0.95 -4.73 29.04
C LEU B 298 0.22 -5.27 29.86
N PHE B 299 0.55 -4.58 30.95
CA PHE B 299 1.60 -4.97 31.92
C PHE B 299 0.92 -5.20 33.28
N GLU B 300 1.02 -6.42 33.81
CA GLU B 300 0.37 -6.81 35.10
C GLU B 300 1.17 -7.94 35.74
N ASN B 301 1.42 -7.82 37.05
CA ASN B 301 2.20 -8.82 37.82
C ASN B 301 3.50 -9.13 37.06
N GLY B 302 4.23 -8.09 36.68
CA GLY B 302 5.57 -8.18 36.07
C GLY B 302 5.60 -8.80 34.68
N GLU B 303 4.45 -9.07 34.03
CA GLU B 303 4.41 -9.75 32.71
C GLU B 303 3.82 -8.79 31.66
N PHE B 304 4.35 -8.83 30.43
CA PHE B 304 3.84 -8.06 29.25
C PHE B 304 2.92 -8.95 28.42
N TYR B 305 1.84 -8.39 27.89
CA TYR B 305 0.89 -9.07 26.97
C TYR B 305 0.51 -8.12 25.85
N PHE B 306 0.95 -8.40 24.62
CA PHE B 306 0.65 -7.61 23.41
C PHE B 306 -0.86 -7.56 23.17
N ILE B 307 -1.38 -6.37 22.87
CA ILE B 307 -2.80 -6.21 22.45
C ILE B 307 -2.90 -5.71 21.01
N GLU B 308 -2.04 -4.78 20.59
CA GLU B 308 -2.11 -4.20 19.22
C GLU B 308 -0.90 -3.31 18.91
N MET B 309 -0.73 -3.04 17.62
CA MET B 309 0.40 -2.24 17.10
C MET B 309 -0.16 -1.03 16.36
N ASN B 310 0.35 0.15 16.69
CA ASN B 310 0.11 1.41 15.93
C ASN B 310 1.21 1.56 14.87
N THR B 311 0.81 1.61 13.60
CA THR B 311 1.72 1.61 12.42
C THR B 311 1.89 3.03 11.89
N ARG B 312 2.42 3.92 12.74
CA ARG B 312 2.38 5.40 12.60
C ARG B 312 3.11 6.03 13.79
N ILE B 313 3.47 7.30 13.68
CA ILE B 313 3.95 8.09 14.85
C ILE B 313 2.76 8.26 15.79
N GLN B 314 2.97 8.42 17.11
CA GLN B 314 1.84 8.66 18.05
C GLN B 314 1.95 10.03 18.69
N VAL B 315 0.82 10.52 19.20
CA VAL B 315 0.71 11.78 19.99
C VAL B 315 1.90 11.88 20.95
N GLU B 316 2.16 10.83 21.73
CA GLU B 316 2.98 10.90 22.95
C GLU B 316 4.46 10.64 22.63
N HIS B 317 4.85 10.67 21.36
CA HIS B 317 6.23 10.39 20.90
C HIS B 317 7.24 11.30 21.61
N PRO B 318 6.94 12.58 21.94
CA PRO B 318 7.93 13.44 22.57
C PRO B 318 8.58 12.94 23.88
N VAL B 319 7.87 12.20 24.75
CA VAL B 319 8.49 11.72 26.02
C VAL B 319 9.64 10.75 25.69
N THR B 320 9.51 9.95 24.63
CA THR B 320 10.59 9.04 24.16
C THR B 320 11.76 9.85 23.62
N GLU B 321 11.48 10.89 22.84
CA GLU B 321 12.56 11.78 22.31
C GLU B 321 13.37 12.37 23.47
N MET B 322 12.72 12.83 24.56
CA MET B 322 13.43 13.55 25.63
C MET B 322 14.40 12.58 26.34
N ILE B 323 14.04 11.30 26.52
CA ILE B 323 14.88 10.39 27.35
C ILE B 323 15.90 9.62 26.48
N THR B 324 15.83 9.69 25.15
CA THR B 324 16.78 9.02 24.23
C THR B 324 17.60 10.00 23.40
N GLY B 325 17.17 11.27 23.24
CA GLY B 325 17.83 12.23 22.35
C GLY B 325 17.55 11.96 20.87
N VAL B 326 16.72 10.97 20.53
CA VAL B 326 16.36 10.67 19.12
C VAL B 326 15.18 11.54 18.65
N ASP B 327 15.35 12.22 17.51
CA ASP B 327 14.23 12.98 16.87
C ASP B 327 13.43 11.98 16.02
N LEU B 328 12.28 11.52 16.48
CA LEU B 328 11.57 10.39 15.81
C LEU B 328 11.02 10.84 14.45
N ILE B 329 10.60 12.10 14.31
CA ILE B 329 10.04 12.59 13.03
C ILE B 329 11.19 12.67 12.01
N LYS B 330 12.35 13.22 12.38
CA LYS B 330 13.49 13.27 11.44
C LYS B 330 13.88 11.85 11.03
N GLU B 331 13.88 10.89 11.97
CA GLU B 331 14.22 9.49 11.59
C GLU B 331 13.18 9.00 10.58
N GLN B 332 11.90 9.31 10.77
CA GLN B 332 10.83 8.89 9.82
C GLN B 332 11.20 9.42 8.42
N LEU B 333 11.67 10.66 8.34
CA LEU B 333 11.94 11.33 7.04
C LEU B 333 13.22 10.72 6.41
N ARG B 334 14.25 10.44 7.21
CA ARG B 334 15.48 9.76 6.73
CA ARG B 334 15.48 9.76 6.73
C ARG B 334 15.12 8.36 6.21
N ILE B 335 14.34 7.60 6.95
CA ILE B 335 13.95 6.22 6.55
C ILE B 335 13.18 6.29 5.22
N ALA B 336 12.24 7.23 5.09
CA ALA B 336 11.40 7.39 3.88
C ALA B 336 12.28 7.77 2.68
N ALA B 337 13.34 8.57 2.90
CA ALA B 337 14.31 8.95 1.85
C ALA B 337 15.18 7.75 1.44
N GLY B 338 15.13 6.62 2.14
CA GLY B 338 15.84 5.37 1.78
C GLY B 338 17.14 5.21 2.55
N GLN B 339 17.40 6.00 3.59
CA GLN B 339 18.61 5.86 4.43
C GLN B 339 18.42 4.71 5.41
N PRO B 340 19.43 3.82 5.57
CA PRO B 340 19.38 2.81 6.62
C PRO B 340 19.45 3.49 7.99
N LEU B 341 19.01 2.81 9.05
CA LEU B 341 19.20 3.36 10.42
C LEU B 341 20.71 3.59 10.60
N SER B 342 21.11 4.75 11.10
CA SER B 342 22.50 5.06 11.52
C SER B 342 22.67 4.73 13.02
N ILE B 343 21.58 4.78 13.79
CA ILE B 343 21.57 4.51 15.26
C ILE B 343 21.56 3.00 15.44
N LYS B 344 22.54 2.46 16.14
CA LYS B 344 22.55 1.03 16.55
C LYS B 344 21.94 0.92 17.95
N GLN B 345 21.45 -0.28 18.29
CA GLN B 345 20.76 -0.55 19.57
C GLN B 345 21.66 -0.17 20.75
N GLU B 346 22.95 -0.50 20.71
CA GLU B 346 23.90 -0.27 21.83
C GLU B 346 24.14 1.24 22.02
N GLU B 347 23.73 2.09 21.08
CA GLU B 347 23.86 3.58 21.15
C GLU B 347 22.59 4.20 21.75
N VAL B 348 21.51 3.43 21.91
CA VAL B 348 20.26 3.95 22.51
C VAL B 348 20.39 3.83 24.02
N HIS B 349 20.38 4.95 24.75
CA HIS B 349 20.52 5.01 26.23
C HIS B 349 19.30 5.75 26.83
N VAL B 350 18.56 5.12 27.76
CA VAL B 350 17.53 5.81 28.56
C VAL B 350 18.24 6.75 29.54
N ARG B 351 17.94 8.05 29.50
CA ARG B 351 18.54 9.03 30.45
C ARG B 351 17.42 9.95 30.94
N GLY B 352 17.27 10.02 32.25
CA GLY B 352 16.29 10.88 32.94
C GLY B 352 14.88 10.39 32.73
N HIS B 353 13.94 11.31 32.78
CA HIS B 353 12.49 11.00 32.85
C HIS B 353 11.71 12.14 32.22
N ALA B 354 10.63 11.83 31.50
CA ALA B 354 9.77 12.86 30.87
C ALA B 354 8.29 12.54 31.09
N VAL B 355 7.52 13.60 31.30
CA VAL B 355 6.05 13.54 31.49
C VAL B 355 5.42 14.44 30.45
N GLU B 356 4.33 13.97 29.85
CA GLU B 356 3.51 14.74 28.89
C GLU B 356 2.10 14.87 29.46
N CYS B 357 1.61 16.11 29.59
CA CYS B 357 0.20 16.46 29.85
C CYS B 357 -0.45 16.91 28.54
N ARG B 358 -1.49 16.22 28.10
CA ARG B 358 -2.31 16.65 26.94
C ARG B 358 -3.14 17.85 27.37
N ILE B 359 -3.13 18.90 26.57
CA ILE B 359 -3.98 20.09 26.79
C ILE B 359 -5.14 20.03 25.79
N ASN B 360 -6.35 19.98 26.32
CA ASN B 360 -7.60 19.77 25.54
C ASN B 360 -8.52 20.96 25.77
N ALA B 361 -9.11 21.50 24.69
CA ALA B 361 -10.20 22.49 24.75
C ALA B 361 -11.51 21.76 25.10
N GLU B 362 -11.70 21.49 26.39
CA GLU B 362 -12.87 20.81 26.97
C GLU B 362 -12.98 21.24 28.43
N ASP B 363 -14.18 21.11 29.00
CA ASP B 363 -14.40 21.48 30.42
C ASP B 363 -13.65 20.49 31.31
N PRO B 364 -12.84 21.01 32.26
CA PRO B 364 -12.08 20.16 33.18
C PRO B 364 -12.94 19.24 34.06
N ASN B 365 -14.26 19.47 34.22
CA ASN B 365 -15.17 18.60 35.03
C ASN B 365 -16.15 17.81 34.15
N THR B 366 -16.80 18.44 33.15
CA THR B 366 -17.91 17.84 32.33
C THR B 366 -17.37 17.29 31.00
N PHE B 367 -16.21 17.78 30.55
CA PHE B 367 -15.51 17.39 29.30
C PHE B 367 -16.37 17.72 28.04
N LEU B 368 -17.35 18.62 28.18
CA LEU B 368 -18.03 19.30 27.04
C LEU B 368 -16.98 20.04 26.22
N PRO B 369 -16.88 19.80 24.89
CA PRO B 369 -15.84 20.45 24.11
C PRO B 369 -16.00 21.99 24.16
N SER B 370 -14.88 22.70 24.09
CA SER B 370 -14.86 24.18 24.21
C SER B 370 -14.08 24.77 23.04
N PRO B 371 -14.62 24.69 21.80
CA PRO B 371 -14.03 25.44 20.70
C PRO B 371 -14.29 26.94 20.93
N GLY B 372 -13.52 27.78 20.24
CA GLY B 372 -13.68 29.25 20.38
C GLY B 372 -12.38 30.00 20.29
N LYS B 373 -12.50 31.32 20.42
CA LYS B 373 -11.37 32.26 20.23
C LYS B 373 -10.53 32.29 21.52
N ILE B 374 -9.22 32.04 21.38
CA ILE B 374 -8.26 32.22 22.51
C ILE B 374 -7.98 33.72 22.56
N THR B 375 -8.36 34.35 23.66
CA THR B 375 -8.28 35.83 23.83
C THR B 375 -6.97 36.21 24.51
N ARG B 376 -6.38 35.32 25.31
CA ARG B 376 -5.04 35.55 25.88
C ARG B 376 -4.30 34.21 25.96
N PHE B 377 -3.01 34.22 25.61
CA PHE B 377 -2.18 33.01 25.55
C PHE B 377 -0.77 33.32 26.05
N HIS B 378 -0.29 32.49 26.96
CA HIS B 378 1.13 32.50 27.39
C HIS B 378 1.62 31.07 27.58
N ALA B 379 2.73 30.74 26.93
CA ALA B 379 3.37 29.42 26.98
C ALA B 379 4.34 29.38 28.15
N PRO B 380 4.46 28.24 28.84
CA PRO B 380 5.49 28.11 29.87
C PRO B 380 6.89 28.03 29.23
N GLY B 381 7.89 28.41 30.00
CA GLY B 381 9.32 28.24 29.69
C GLY B 381 10.08 27.52 30.78
N GLY B 382 11.39 27.46 30.63
CA GLY B 382 12.30 26.90 31.64
C GLY B 382 13.11 25.74 31.08
N PHE B 383 14.13 25.35 31.86
CA PHE B 383 14.99 24.19 31.65
C PHE B 383 14.11 22.94 31.70
N GLY B 384 14.19 22.12 30.65
CA GLY B 384 13.47 20.83 30.60
C GLY B 384 12.01 20.99 30.24
N VAL B 385 11.58 22.16 29.77
CA VAL B 385 10.15 22.42 29.43
C VAL B 385 10.00 22.49 27.90
N ARG B 386 9.15 21.64 27.32
CA ARG B 386 8.93 21.58 25.87
C ARG B 386 7.43 21.78 25.63
N TRP B 387 7.10 22.73 24.76
CA TRP B 387 5.71 23.12 24.44
C TRP B 387 5.46 22.78 22.97
N GLU B 388 4.55 21.83 22.70
CA GLU B 388 4.14 21.41 21.35
C GLU B 388 2.71 21.86 21.10
N SER B 389 2.50 22.94 20.39
CA SER B 389 1.15 23.47 20.10
C SER B 389 1.18 24.49 18.96
N HIS B 390 0.11 24.51 18.18
CA HIS B 390 -0.14 25.52 17.12
C HIS B 390 -0.84 26.75 17.71
N ILE B 391 -1.30 26.74 18.95
CA ILE B 391 -2.23 27.83 19.39
C ILE B 391 -1.45 29.13 19.62
N TYR B 392 -2.12 30.26 19.48
CA TYR B 392 -1.60 31.62 19.71
C TYR B 392 -2.77 32.51 20.12
N ALA B 393 -2.47 33.71 20.66
CA ALA B 393 -3.51 34.69 21.06
C ALA B 393 -4.24 35.16 19.80
N GLY B 394 -5.57 35.11 19.80
CA GLY B 394 -6.41 35.50 18.65
C GLY B 394 -6.81 34.31 17.78
N TYR B 395 -6.20 33.14 17.97
CA TYR B 395 -6.49 31.91 17.20
C TYR B 395 -7.82 31.33 17.68
N THR B 396 -8.70 30.96 16.74
CA THR B 396 -9.96 30.25 17.03
C THR B 396 -9.76 28.74 16.91
N VAL B 397 -9.96 28.03 18.03
CA VAL B 397 -10.03 26.54 18.05
C VAL B 397 -11.35 26.15 17.39
N PRO B 398 -11.32 25.53 16.19
CA PRO B 398 -12.56 25.29 15.46
C PRO B 398 -13.38 24.14 16.04
N PRO B 399 -14.72 24.18 15.85
CA PRO B 399 -15.58 23.11 16.38
C PRO B 399 -15.53 21.78 15.60
N TYR B 400 -14.84 21.72 14.46
CA TYR B 400 -14.97 20.61 13.47
C TYR B 400 -14.03 19.45 13.78
N TYR B 401 -13.04 19.64 14.65
CA TYR B 401 -11.93 18.68 14.84
C TYR B 401 -11.85 18.27 16.30
N ASP B 402 -10.79 17.53 16.61
CA ASP B 402 -10.36 16.97 17.91
C ASP B 402 -10.33 18.07 18.98
N SER B 403 -10.41 17.74 20.26
CA SER B 403 -10.27 18.78 21.34
C SER B 403 -8.80 19.03 21.71
N MET B 404 -7.85 18.21 21.24
CA MET B 404 -6.45 18.31 21.73
C MET B 404 -5.75 19.48 21.03
N ILE B 405 -5.39 20.53 21.78
CA ILE B 405 -4.85 21.82 21.24
C ILE B 405 -3.34 21.92 21.49
N GLY B 406 -2.76 21.10 22.37
CA GLY B 406 -1.34 21.23 22.75
C GLY B 406 -0.84 20.11 23.62
N LYS B 407 0.47 20.01 23.78
CA LYS B 407 1.16 19.00 24.62
C LYS B 407 2.28 19.68 25.41
N LEU B 408 2.25 19.53 26.72
CA LEU B 408 3.28 20.12 27.63
C LEU B 408 4.12 18.93 28.08
N ILE B 409 5.41 18.96 27.76
CA ILE B 409 6.36 17.86 28.05
C ILE B 409 7.47 18.41 28.95
N CYS B 410 7.66 17.83 30.12
CA CYS B 410 8.72 18.26 31.06
C CYS B 410 9.66 17.09 31.29
N TYR B 411 10.96 17.38 31.20
CA TYR B 411 12.06 16.42 31.37
C TYR B 411 12.83 16.77 32.64
N GLY B 412 13.26 15.76 33.39
CA GLY B 412 14.24 15.93 34.46
C GLY B 412 15.22 14.78 34.54
N GLU B 413 16.28 14.95 35.33
CA GLU B 413 17.27 13.86 35.56
C GLU B 413 16.59 12.72 36.33
N ASN B 414 15.47 12.97 37.02
CA ASN B 414 14.65 11.87 37.58
C ASN B 414 13.16 12.23 37.48
N ARG B 415 12.28 11.27 37.80
CA ARG B 415 10.80 11.45 37.71
C ARG B 415 10.32 12.62 38.60
N ASP B 416 10.85 12.75 39.81
CA ASP B 416 10.44 13.83 40.76
C ASP B 416 10.72 15.19 40.15
N VAL B 417 11.86 15.36 39.48
CA VAL B 417 12.22 16.66 38.88
C VAL B 417 11.29 16.92 37.69
N ALA B 418 10.97 15.89 36.90
CA ALA B 418 10.06 16.03 35.73
C ALA B 418 8.69 16.52 36.23
N ILE B 419 8.17 15.91 37.31
CA ILE B 419 6.83 16.27 37.90
C ILE B 419 6.91 17.69 38.48
N ALA B 420 7.99 18.04 39.19
CA ALA B 420 8.15 19.39 39.79
C ALA B 420 8.08 20.45 38.68
N ARG B 421 8.77 20.23 37.57
CA ARG B 421 8.80 21.16 36.43
C ARG B 421 7.40 21.23 35.80
N MET B 422 6.71 20.10 35.70
CA MET B 422 5.36 20.08 35.08
C MET B 422 4.40 20.92 35.93
N LYS B 423 4.40 20.78 37.25
CA LYS B 423 3.56 21.62 38.14
C LYS B 423 3.83 23.09 37.88
N ASN B 424 5.10 23.49 37.80
CA ASN B 424 5.49 24.92 37.55
C ASN B 424 5.03 25.36 36.17
N ALA B 425 5.22 24.51 35.14
CA ALA B 425 4.88 24.88 33.75
C ALA B 425 3.35 25.06 33.64
N LEU B 426 2.58 24.16 34.27
CA LEU B 426 1.10 24.22 34.23
C LEU B 426 0.65 25.54 34.87
N GLN B 427 1.31 25.99 35.93
CA GLN B 427 0.97 27.26 36.63
C GLN B 427 1.28 28.48 35.74
N GLU B 428 2.17 28.39 34.75
CA GLU B 428 2.51 29.55 33.87
C GLU B 428 1.60 29.58 32.65
N LEU B 429 1.06 28.41 32.25
CA LEU B 429 0.28 28.26 31.01
C LEU B 429 -1.01 29.05 31.15
N ILE B 430 -1.21 30.07 30.31
CA ILE B 430 -2.46 30.87 30.24
C ILE B 430 -3.16 30.55 28.91
N ILE B 431 -4.42 30.12 28.98
CA ILE B 431 -5.31 29.96 27.80
C ILE B 431 -6.68 30.47 28.19
N ASP B 432 -7.01 31.71 27.80
CA ASP B 432 -8.29 32.38 28.16
C ASP B 432 -9.21 32.35 26.93
N GLY B 433 -10.53 32.34 27.17
CA GLY B 433 -11.60 32.44 26.17
C GLY B 433 -12.24 31.09 25.87
N ILE B 434 -11.59 29.99 26.28
CA ILE B 434 -12.13 28.60 26.16
C ILE B 434 -11.86 27.87 27.48
N LYS B 435 -12.59 26.80 27.77
CA LYS B 435 -12.25 25.85 28.86
C LYS B 435 -11.12 24.93 28.38
N THR B 436 -10.21 24.62 29.30
CA THR B 436 -9.14 23.60 29.12
C THR B 436 -9.13 22.66 30.33
N ASN B 437 -8.40 21.57 30.19
CA ASN B 437 -8.18 20.56 31.27
C ASN B 437 -6.92 20.92 32.06
N VAL B 438 -6.41 22.15 31.97
CA VAL B 438 -5.18 22.56 32.72
C VAL B 438 -5.38 22.27 34.22
N ASP B 439 -6.56 22.57 34.78
CA ASP B 439 -6.84 22.40 36.24
C ASP B 439 -6.86 20.91 36.60
N LEU B 440 -7.39 20.06 35.70
CA LEU B 440 -7.33 18.59 35.92
C LEU B 440 -5.86 18.14 35.96
N GLN B 441 -5.03 18.63 35.04
CA GLN B 441 -3.60 18.22 34.93
C GLN B 441 -2.89 18.62 36.23
N ILE B 442 -3.15 19.81 36.75
CA ILE B 442 -2.59 20.30 38.05
C ILE B 442 -3.01 19.31 39.14
N ARG B 443 -4.27 18.91 39.19
CA ARG B 443 -4.77 17.93 40.19
C ARG B 443 -4.01 16.60 40.06
N ILE B 444 -3.79 16.12 38.84
CA ILE B 444 -3.11 14.81 38.63
C ILE B 444 -1.67 14.93 39.14
N MET B 445 -0.96 16.02 38.86
CA MET B 445 0.45 16.19 39.27
C MET B 445 0.54 16.25 40.81
N ASN B 446 -0.50 16.77 41.48
CA ASN B 446 -0.57 16.87 42.96
C ASN B 446 -1.07 15.55 43.59
N ASP B 447 -1.49 14.57 42.80
CA ASP B 447 -2.08 13.31 43.34
C ASP B 447 -0.95 12.46 43.94
N GLU B 448 -1.10 12.03 45.20
CA GLU B 448 -0.07 11.25 45.93
C GLU B 448 0.19 9.92 45.24
N ASN B 449 -0.83 9.28 44.67
CA ASN B 449 -0.70 7.95 44.03
C ASN B 449 0.12 8.11 42.75
N PHE B 450 -0.15 9.16 41.95
CA PHE B 450 0.63 9.49 40.73
C PHE B 450 2.08 9.76 41.14
N GLN B 451 2.29 10.55 42.20
CA GLN B 451 3.65 10.95 42.67
C GLN B 451 4.44 9.70 43.06
N HIS B 452 3.81 8.73 43.72
CA HIS B 452 4.41 7.40 44.02
C HIS B 452 4.71 6.68 42.69
N GLY B 453 3.79 6.72 41.73
CA GLY B 453 3.94 6.09 40.41
C GLY B 453 3.34 4.69 40.36
N GLY B 454 3.03 4.21 39.15
CA GLY B 454 2.61 2.82 38.93
C GLY B 454 1.11 2.61 39.03
N THR B 455 0.28 3.66 39.02
CA THR B 455 -1.20 3.50 39.07
C THR B 455 -1.66 2.83 37.78
N ASN B 456 -2.82 2.19 37.82
CA ASN B 456 -3.31 1.28 36.76
C ASN B 456 -4.23 2.09 35.85
N ILE B 457 -4.78 1.45 34.80
CA ILE B 457 -5.57 2.12 33.73
C ILE B 457 -6.89 2.66 34.30
N HIS B 458 -7.38 2.14 35.42
CA HIS B 458 -8.70 2.49 36.00
C HIS B 458 -8.57 3.64 37.01
N TYR B 459 -7.35 4.08 37.34
CA TYR B 459 -7.10 4.98 38.49
C TYR B 459 -7.83 6.32 38.29
N LEU B 460 -7.69 6.95 37.13
CA LEU B 460 -8.21 8.33 36.93
C LEU B 460 -9.73 8.33 37.02
N GLU B 461 -10.42 7.35 36.41
CA GLU B 461 -11.90 7.17 36.52
C GLU B 461 -12.29 7.03 37.99
N LYS B 462 -11.50 6.31 38.80
CA LYS B 462 -11.80 6.09 40.25
C LYS B 462 -11.64 7.42 41.00
N LYS B 463 -10.53 8.15 40.83
CA LYS B 463 -10.26 9.46 41.47
C LYS B 463 -11.39 10.46 41.15
N LEU B 464 -11.80 10.54 39.88
CA LEU B 464 -12.85 11.50 39.41
C LEU B 464 -14.23 11.04 39.89
N GLY B 465 -14.47 9.73 39.99
CA GLY B 465 -15.74 9.16 40.49
C GLY B 465 -16.00 9.54 41.95
N LEU B 466 -14.94 9.74 42.74
CA LEU B 466 -15.00 10.19 44.17
C LEU B 466 -15.17 11.71 44.22
N GLN B 467 -15.78 12.22 45.29
#